data_7E0U
#
_entry.id   7E0U
#
_cell.length_a   85.487
_cell.length_b   91.503
_cell.length_c   128.074
_cell.angle_alpha   90.000
_cell.angle_beta   90.000
_cell.angle_gamma   90.000
#
_symmetry.space_group_name_H-M   'P 21 21 21'
#
loop_
_entity.id
_entity.type
_entity.pdbx_description
1 polymer 'Indoleamine 2,3-dioxygenase 1'
2 non-polymer 'PROTOPORPHYRIN IX CONTAINING FE'
3 non-polymer 6-bromanyl-~{N}-[[(1~{S},2~{S})-2-chloranylcyclohexyl]methyl]-1~{H}-indazol-4-amine
4 water water
#
_entity_poly.entity_id   1
_entity_poly.type   'polypeptide(L)'
_entity_poly.pdbx_seq_one_letter_code
;SKEYHIDEEVGFALPNPQENLPDFYNDWMFIAKHLPDLIESGQLRERVEKLNMLSIDHLTDHKSQRLARLVLGCITMAYV
WGKGHGDVRKVLPRNIAVPYCQLSKKLELPPILVYADCVLANWKKKDPNKPLTYENMDVLFSFRDGDCSKGFFLVSLLVE
IAAASAIKVIPTVFKAMQMQERDTLLKALLEIASCLEKALQVFHQIHDHVNPKAFFSVLRIYLSGWKGNPQLSDGLVYEG
FWEDPKEFAGGSAGQSSVFQCFDVLLGIQQTAGGGHAAQFLQDMRRYMPPAHRNFLCSLESNPSVREFVLSKGDAGLREA
YDACVKALVSLRSYHLQIVTKYILIPASQQPKENKTSEDPSKEEAKGTGGTDLMNFLKTVRSTTEKSLLKEG
;
_entity_poly.pdbx_strand_id   A,B
#
loop_
_chem_comp.id
_chem_comp.type
_chem_comp.name
_chem_comp.formula
HEM non-polymer 'PROTOPORPHYRIN IX CONTAINING FE' 'C34 H32 Fe N4 O4'
HUC non-polymer 6-bromanyl-~{N}-[[(1~{S},2~{S})-2-chloranylcyclohexyl]methyl]-1~{H}-indazol-4-amine 'C14 H17 Br Cl N3'
#
# COMPACT_ATOMS: atom_id res chain seq x y z
N SER A 1 20.19 -3.75 7.16
CA SER A 1 21.41 -3.53 6.39
C SER A 1 21.56 -2.08 5.91
N LYS A 2 22.39 -1.89 4.88
CA LYS A 2 22.54 -0.61 4.19
C LYS A 2 21.58 -0.43 3.02
N GLU A 3 21.01 -1.53 2.49
CA GLU A 3 19.96 -1.40 1.48
C GLU A 3 18.64 -0.98 2.09
N TYR A 4 18.41 -1.30 3.38
CA TYR A 4 17.24 -0.82 4.09
C TYR A 4 17.50 0.43 4.93
N HIS A 5 18.74 0.91 4.99
CA HIS A 5 19.07 2.13 5.73
C HIS A 5 18.58 2.05 7.17
N ILE A 6 19.08 1.00 7.83
CA ILE A 6 18.85 0.74 9.24
C ILE A 6 20.17 0.95 9.95
N ASP A 7 20.16 1.85 10.90
CA ASP A 7 21.36 2.12 11.65
C ASP A 7 21.40 1.16 12.83
N GLU A 8 22.62 0.71 13.18
CA GLU A 8 22.75 -0.26 14.26
C GLU A 8 22.38 0.36 15.59
N GLU A 9 22.54 1.68 15.72
CA GLU A 9 22.34 2.36 16.99
C GLU A 9 20.97 3.03 17.10
N VAL A 10 20.54 3.72 16.05
CA VAL A 10 19.28 4.47 16.12
C VAL A 10 18.21 3.88 15.20
N GLY A 11 18.49 2.79 14.50
CA GLY A 11 17.46 2.09 13.77
C GLY A 11 16.94 2.79 12.55
N PHE A 12 15.66 3.17 12.58
CA PHE A 12 15.09 3.90 11.46
C PHE A 12 15.38 5.39 11.50
N ALA A 13 15.97 5.89 12.60
CA ALA A 13 16.26 7.31 12.72
C ALA A 13 17.41 7.66 11.83
N LEU A 14 17.47 8.92 11.41
CA LEU A 14 18.58 9.28 10.53
C LEU A 14 19.76 9.50 11.46
N PRO A 15 20.79 8.70 11.34
CA PRO A 15 21.94 8.85 12.23
C PRO A 15 22.61 10.20 11.99
N ASN A 16 22.96 10.85 13.09
CA ASN A 16 23.67 12.12 13.14
C ASN A 16 23.19 13.07 12.05
N PRO A 17 21.95 13.55 12.15
CA PRO A 17 21.40 14.45 11.13
C PRO A 17 22.25 15.69 10.90
N GLN A 18 22.22 16.17 9.65
CA GLN A 18 22.85 17.44 9.29
C GLN A 18 22.12 18.60 9.95
N GLU A 19 22.87 19.55 10.51
CA GLU A 19 22.22 20.73 11.11
C GLU A 19 22.29 21.99 10.24
N ASN A 20 23.16 22.03 9.23
CA ASN A 20 23.38 23.22 8.44
C ASN A 20 23.22 22.92 6.96
N LEU A 21 22.62 23.84 6.25
CA LEU A 21 22.55 23.75 4.81
C LEU A 21 23.73 24.47 4.16
N PRO A 22 23.92 24.23 2.87
CA PRO A 22 24.83 25.08 2.08
C PRO A 22 24.42 26.54 2.12
N ASP A 23 25.44 27.40 2.32
CA ASP A 23 25.29 28.85 2.35
C ASP A 23 24.25 29.33 1.33
N PHE A 24 24.18 28.68 0.17
CA PHE A 24 23.20 29.07 -0.85
C PHE A 24 21.81 29.22 -0.25
N TYR A 25 21.42 28.33 0.68
CA TYR A 25 20.04 28.32 1.21
C TYR A 25 19.87 29.12 2.51
N ASN A 26 20.82 29.99 2.87
CA ASN A 26 20.71 30.73 4.12
C ASN A 26 19.34 31.42 4.31
N ASP A 27 18.61 31.70 3.21
CA ASP A 27 17.30 32.36 3.34
C ASP A 27 16.17 31.39 3.67
N TRP A 28 16.39 30.08 3.47
CA TRP A 28 15.52 29.06 4.03
C TRP A 28 15.85 28.87 5.49
N MET A 29 17.12 28.68 5.78
CA MET A 29 17.55 28.38 7.13
C MET A 29 17.21 29.49 8.10
N PHE A 30 17.18 30.76 7.66
CA PHE A 30 16.91 31.84 8.61
C PHE A 30 15.43 31.81 9.05
N ILE A 31 14.51 31.71 8.09
CA ILE A 31 13.09 31.61 8.43
C ILE A 31 12.83 30.37 9.31
N ALA A 32 13.37 29.22 8.94
CA ALA A 32 13.02 27.98 9.63
C ALA A 32 13.46 28.03 11.08
N LYS A 33 14.67 28.52 11.33
CA LYS A 33 15.14 28.67 12.70
C LYS A 33 14.48 29.84 13.46
N HIS A 34 13.60 30.64 12.84
CA HIS A 34 12.96 31.77 13.54
C HIS A 34 11.45 31.73 13.35
N LEU A 35 10.88 30.52 13.25
CA LEU A 35 9.43 30.42 13.07
C LEU A 35 8.68 30.95 14.28
N PRO A 36 9.10 30.71 15.50
CA PRO A 36 8.38 31.31 16.62
C PRO A 36 8.34 32.83 16.56
N ASP A 37 9.50 33.46 16.40
CA ASP A 37 9.51 34.91 16.43
C ASP A 37 8.76 35.44 15.23
N LEU A 38 8.92 34.81 14.06
CA LEU A 38 8.34 35.33 12.83
C LEU A 38 6.83 35.15 12.79
N ILE A 39 6.33 34.04 13.34
CA ILE A 39 4.88 33.84 13.44
C ILE A 39 4.29 34.84 14.41
N GLU A 40 4.85 34.91 15.63
CA GLU A 40 4.25 35.77 16.64
C GLU A 40 4.11 37.20 16.15
N SER A 41 5.03 37.65 15.29
CA SER A 41 5.07 39.04 14.82
C SER A 41 4.30 39.25 13.54
N GLY A 42 3.52 38.27 13.09
CA GLY A 42 2.70 38.46 11.90
C GLY A 42 3.51 38.63 10.63
N GLN A 43 4.78 38.26 10.71
CA GLN A 43 5.69 38.48 9.60
C GLN A 43 6.04 37.23 8.81
N LEU A 44 5.56 36.04 9.20
CA LEU A 44 6.15 34.85 8.59
C LEU A 44 5.76 34.72 7.13
N ARG A 45 4.45 34.79 6.84
CA ARG A 45 4.02 34.75 5.47
C ARG A 45 4.81 35.76 4.60
N GLU A 46 4.90 37.03 5.02
CA GLU A 46 5.69 38.00 4.26
C GLU A 46 7.11 37.49 4.00
N ARG A 47 7.85 37.09 5.03
CA ARG A 47 9.25 36.75 4.77
C ARG A 47 9.36 35.58 3.79
N VAL A 48 8.29 34.78 3.70
CA VAL A 48 8.30 33.60 2.84
C VAL A 48 7.98 34.00 1.43
N GLU A 49 6.97 34.87 1.28
CA GLU A 49 6.64 35.48 -0.01
C GLU A 49 7.80 36.30 -0.59
N LYS A 50 8.66 36.87 0.24
CA LYS A 50 9.79 37.63 -0.28
C LYS A 50 10.96 36.75 -0.70
N LEU A 51 10.85 35.42 -0.59
CA LEU A 51 11.95 34.56 -0.97
C LEU A 51 12.05 34.42 -2.50
N ASN A 52 13.26 34.16 -2.98
CA ASN A 52 13.43 33.73 -4.36
C ASN A 52 13.49 32.22 -4.49
N MET A 53 12.95 31.74 -5.60
CA MET A 53 13.05 30.32 -5.88
C MET A 53 14.50 29.89 -5.91
N LEU A 54 14.80 28.83 -5.21
CA LEU A 54 16.15 28.31 -5.11
C LEU A 54 16.18 26.90 -5.68
N SER A 55 17.26 26.59 -6.35
CA SER A 55 17.42 25.29 -6.94
C SER A 55 17.73 24.31 -5.85
N ILE A 56 17.21 23.08 -6.00
CA ILE A 56 17.59 22.03 -5.07
C ILE A 56 18.95 21.44 -5.40
N ASP A 57 19.61 21.92 -6.47
CA ASP A 57 20.79 21.24 -7.02
C ASP A 57 22.02 21.39 -6.17
N HIS A 58 22.09 22.37 -5.29
CA HIS A 58 23.26 22.47 -4.43
C HIS A 58 23.13 21.61 -3.15
N LEU A 59 22.09 20.74 -3.10
CA LEU A 59 21.85 19.83 -1.98
C LEU A 59 22.42 18.48 -2.40
N THR A 60 23.67 18.24 -2.05
CA THR A 60 24.41 17.24 -2.81
C THR A 60 24.13 15.81 -2.34
N ASP A 61 23.93 15.58 -1.05
CA ASP A 61 23.84 14.24 -0.49
C ASP A 61 22.56 14.06 0.29
N HIS A 62 22.35 12.84 0.80
CA HIS A 62 21.06 12.49 1.40
C HIS A 62 20.80 13.28 2.67
N LYS A 63 21.82 13.47 3.51
CA LYS A 63 21.56 14.20 4.73
C LYS A 63 21.18 15.65 4.45
N SER A 64 21.85 16.29 3.47
CA SER A 64 21.46 17.65 3.03
C SER A 64 20.02 17.67 2.57
N GLN A 65 19.64 16.71 1.76
CA GLN A 65 18.29 16.66 1.24
C GLN A 65 17.28 16.43 2.37
N ARG A 66 17.64 15.64 3.40
CA ARG A 66 16.69 15.38 4.48
C ARG A 66 16.51 16.63 5.32
N LEU A 67 17.61 17.31 5.65
CA LEU A 67 17.50 18.57 6.38
C LEU A 67 16.60 19.54 5.64
N ALA A 68 16.77 19.64 4.31
CA ALA A 68 16.01 20.63 3.55
C ALA A 68 14.53 20.28 3.54
N ARG A 69 14.21 18.99 3.42
CA ARG A 69 12.83 18.55 3.63
C ARG A 69 12.29 19.02 4.97
N LEU A 70 13.10 18.95 6.02
CA LEU A 70 12.67 19.34 7.36
C LEU A 70 12.45 20.84 7.43
N VAL A 71 13.41 21.61 6.88
CA VAL A 71 13.29 23.06 6.76
C VAL A 71 12.00 23.39 6.02
N LEU A 72 11.84 22.86 4.84
CA LEU A 72 10.70 23.28 4.04
C LEU A 72 9.38 22.79 4.61
N GLY A 73 9.36 21.56 5.18
CA GLY A 73 8.12 21.10 5.80
C GLY A 73 7.71 21.96 6.98
N CYS A 74 8.67 22.28 7.84
CA CYS A 74 8.31 23.16 8.95
C CYS A 74 7.87 24.53 8.45
N ILE A 75 8.53 25.04 7.39
CA ILE A 75 8.11 26.36 6.88
C ILE A 75 6.73 26.24 6.32
N THR A 76 6.48 25.15 5.61
CA THR A 76 5.17 24.97 5.03
C THR A 76 4.09 24.91 6.10
N MET A 77 4.29 24.17 7.18
CA MET A 77 3.28 24.15 8.26
C MET A 77 3.09 25.55 8.86
N ALA A 78 4.19 26.27 9.08
CA ALA A 78 4.08 27.66 9.54
C ALA A 78 3.28 28.51 8.56
N TYR A 79 3.54 28.35 7.26
CA TYR A 79 2.83 29.17 6.27
C TYR A 79 1.35 28.86 6.27
N VAL A 80 1.00 27.58 6.18
CA VAL A 80 -0.41 27.18 6.04
C VAL A 80 -1.23 27.53 7.27
N TRP A 81 -0.70 27.30 8.47
CA TRP A 81 -1.52 27.40 9.67
C TRP A 81 -1.35 28.73 10.36
N GLY A 82 -0.26 29.43 10.06
CA GLY A 82 -0.10 30.78 10.54
C GLY A 82 0.07 30.80 12.04
N LYS A 83 -0.77 31.59 12.69
CA LYS A 83 -0.69 31.77 14.13
C LYS A 83 -1.41 30.65 14.87
N GLY A 84 -2.15 29.83 14.15
CA GLY A 84 -2.69 28.59 14.67
C GLY A 84 -4.06 28.71 15.26
N HIS A 85 -4.83 29.73 14.82
CA HIS A 85 -6.15 30.00 15.37
C HIS A 85 -7.19 30.08 14.26
N GLY A 86 -6.86 29.59 13.07
CA GLY A 86 -7.83 29.37 12.03
C GLY A 86 -7.75 30.30 10.85
N ASP A 87 -6.73 31.12 10.74
CA ASP A 87 -6.50 31.91 9.53
C ASP A 87 -5.44 31.15 8.74
N VAL A 88 -5.88 30.48 7.69
CA VAL A 88 -5.04 29.56 6.93
C VAL A 88 -4.90 30.02 5.49
N ARG A 89 -3.74 29.74 4.93
CA ARG A 89 -3.47 29.92 3.50
C ARG A 89 -3.67 28.60 2.77
N LYS A 90 -4.43 28.63 1.68
CA LYS A 90 -4.65 27.47 0.86
C LYS A 90 -3.79 27.45 -0.40
N VAL A 91 -2.85 28.39 -0.56
CA VAL A 91 -1.92 28.32 -1.66
C VAL A 91 -0.52 28.48 -1.10
N LEU A 92 0.39 27.61 -1.51
CA LEU A 92 1.76 27.71 -1.05
C LEU A 92 2.61 28.31 -2.17
N PRO A 93 3.33 29.42 -1.92
CA PRO A 93 4.01 30.13 -3.02
C PRO A 93 5.03 29.28 -3.76
N ARG A 94 5.05 29.45 -5.10
CA ARG A 94 5.99 28.73 -5.94
C ARG A 94 7.42 28.81 -5.43
N ASN A 95 7.84 29.96 -4.92
CA ASN A 95 9.25 30.04 -4.52
C ASN A 95 9.62 28.97 -3.48
N ILE A 96 8.62 28.35 -2.83
CA ILE A 96 8.85 27.33 -1.84
C ILE A 96 8.17 26.03 -2.21
N ALA A 97 6.95 26.09 -2.73
CA ALA A 97 6.27 24.88 -3.14
C ALA A 97 7.10 24.11 -4.15
N VAL A 98 7.88 24.80 -4.97
CA VAL A 98 8.46 24.12 -6.12
C VAL A 98 9.70 23.35 -5.69
N PRO A 99 10.69 23.96 -5.04
CA PRO A 99 11.81 23.12 -4.54
C PRO A 99 11.33 22.10 -3.51
N TYR A 100 10.23 22.39 -2.80
CA TYR A 100 9.73 21.44 -1.84
C TYR A 100 9.28 20.18 -2.54
N CYS A 101 8.42 20.32 -3.55
CA CYS A 101 7.90 19.17 -4.28
C CYS A 101 8.95 18.48 -5.14
N GLN A 102 9.97 19.21 -5.58
CA GLN A 102 11.06 18.58 -6.32
C GLN A 102 11.87 17.68 -5.40
N LEU A 103 12.34 18.25 -4.29
CA LEU A 103 13.09 17.51 -3.31
C LEU A 103 12.28 16.31 -2.81
N SER A 104 10.97 16.52 -2.65
CA SER A 104 10.08 15.46 -2.17
C SER A 104 10.03 14.30 -3.16
N LYS A 105 9.76 14.61 -4.43
CA LYS A 105 9.76 13.61 -5.49
C LYS A 105 11.08 12.84 -5.51
N LYS A 106 12.20 13.55 -5.36
CA LYS A 106 13.50 12.87 -5.31
C LYS A 106 13.55 11.84 -4.17
N LEU A 107 13.25 12.25 -2.92
CA LEU A 107 13.28 11.36 -1.77
C LEU A 107 12.05 10.44 -1.68
N GLU A 108 11.09 10.53 -2.60
CA GLU A 108 9.90 9.67 -2.62
C GLU A 108 9.01 9.86 -1.38
N LEU A 109 8.95 11.08 -0.86
CA LEU A 109 8.04 11.42 0.22
C LEU A 109 7.06 12.49 -0.25
N PRO A 110 5.91 12.60 0.38
CA PRO A 110 4.95 13.61 0.00
C PRO A 110 5.40 14.98 0.48
N PRO A 111 4.91 16.03 -0.13
CA PRO A 111 5.37 17.39 0.26
C PRO A 111 4.61 17.88 1.49
N ILE A 112 4.94 17.26 2.62
CA ILE A 112 4.37 17.64 3.90
C ILE A 112 5.26 17.09 4.98
N LEU A 113 5.23 17.73 6.14
CA LEU A 113 6.07 17.30 7.21
C LEU A 113 5.59 15.91 7.63
N VAL A 114 6.50 14.97 7.68
CA VAL A 114 6.20 13.61 8.11
C VAL A 114 7.06 13.29 9.33
N TYR A 115 6.67 12.22 10.01
CA TYR A 115 7.40 11.72 11.16
C TYR A 115 8.89 11.61 10.90
N ALA A 116 9.27 11.02 9.77
CA ALA A 116 10.71 10.94 9.47
C ALA A 116 11.40 12.30 9.32
N ASP A 117 10.65 13.37 9.07
CA ASP A 117 11.26 14.71 9.07
C ASP A 117 11.39 15.17 10.50
N CYS A 118 10.23 15.41 11.14
CA CYS A 118 10.18 16.15 12.38
C CYS A 118 10.59 15.36 13.61
N VAL A 119 10.69 14.02 13.52
CA VAL A 119 11.25 13.19 14.59
C VAL A 119 12.58 12.58 14.17
N LEU A 120 12.58 11.79 13.08
CA LEU A 120 13.76 10.99 12.79
C LEU A 120 14.93 11.80 12.30
N ALA A 121 14.71 13.04 11.83
CA ALA A 121 15.79 13.86 11.28
C ALA A 121 15.94 15.18 12.01
N ASN A 122 15.14 15.41 13.06
CA ASN A 122 15.00 16.71 13.70
C ASN A 122 15.67 16.70 15.04
N TRP A 123 16.93 16.29 15.07
CA TRP A 123 17.62 16.13 16.34
C TRP A 123 19.12 16.29 16.15
N LYS A 124 19.83 16.51 17.27
CA LYS A 124 21.28 16.49 17.34
C LYS A 124 21.73 16.08 18.74
N LYS A 125 22.96 15.54 18.83
CA LYS A 125 23.70 15.46 20.10
C LYS A 125 24.32 16.81 20.43
N LYS A 126 24.20 17.23 21.68
CA LYS A 126 24.89 18.44 22.17
C LYS A 126 26.39 18.21 22.17
N ASP A 127 26.81 17.16 22.86
CA ASP A 127 28.20 16.74 23.02
C ASP A 127 28.34 15.37 22.40
N PRO A 128 29.05 15.21 21.28
CA PRO A 128 29.07 13.90 20.59
C PRO A 128 29.72 12.75 21.38
N ASN A 129 30.50 13.03 22.41
CA ASN A 129 31.11 11.95 23.16
C ASN A 129 30.27 11.56 24.36
N LYS A 130 29.02 11.97 24.35
CA LYS A 130 28.07 11.53 25.33
C LYS A 130 26.93 10.77 24.64
N PRO A 131 26.30 9.86 25.30
CA PRO A 131 25.35 9.00 24.62
C PRO A 131 24.05 9.72 24.27
N LEU A 132 23.13 8.91 23.75
CA LEU A 132 21.83 9.39 23.27
C LEU A 132 20.86 9.41 24.45
N THR A 133 20.92 10.48 25.22
CA THR A 133 20.02 10.70 26.32
C THR A 133 19.43 12.08 26.17
N TYR A 134 18.27 12.29 26.81
CA TYR A 134 17.55 13.55 26.62
C TYR A 134 18.41 14.75 26.98
N GLU A 135 19.23 14.63 28.01
CA GLU A 135 19.97 15.80 28.41
C GLU A 135 21.12 16.08 27.47
N ASN A 136 21.52 15.10 26.66
CA ASN A 136 22.53 15.30 25.64
C ASN A 136 21.94 15.51 24.24
N MET A 137 20.67 15.92 24.12
CA MET A 137 20.06 16.09 22.81
C MET A 137 19.17 17.31 22.78
N ASP A 138 18.95 17.78 21.55
CA ASP A 138 18.05 18.89 21.27
C ASP A 138 17.41 18.59 19.93
N VAL A 139 16.35 19.32 19.59
CA VAL A 139 15.77 19.28 18.26
C VAL A 139 16.39 20.43 17.48
N LEU A 140 16.19 20.42 16.17
CA LEU A 140 16.68 21.50 15.32
C LEU A 140 15.64 22.56 15.04
N PHE A 141 14.34 22.21 14.98
CA PHE A 141 13.33 23.21 14.67
C PHE A 141 12.11 23.08 15.56
N SER A 142 11.45 24.22 15.81
CA SER A 142 10.19 24.27 16.53
C SER A 142 9.28 25.23 15.79
N PHE A 143 8.05 25.33 16.29
CA PHE A 143 7.05 26.17 15.65
C PHE A 143 6.78 27.44 16.45
N ARG A 144 6.42 27.27 17.72
CA ARG A 144 6.04 28.37 18.60
C ARG A 144 6.83 28.20 19.89
N ASP A 145 7.15 29.33 20.52
CA ASP A 145 7.71 29.29 21.85
C ASP A 145 6.69 28.65 22.78
N GLY A 146 7.17 27.68 23.55
CA GLY A 146 6.28 27.00 24.48
C GLY A 146 5.41 25.93 23.86
N ASP A 147 5.75 25.44 22.67
CA ASP A 147 4.93 24.43 22.02
C ASP A 147 5.28 23.01 22.46
N CYS A 148 6.34 22.82 23.25
CA CYS A 148 6.80 21.53 23.74
C CYS A 148 7.24 20.60 22.61
N SER A 149 7.60 21.19 21.47
CA SER A 149 8.06 20.40 20.33
C SER A 149 9.37 19.71 20.61
N LYS A 150 10.24 20.32 21.42
CA LYS A 150 11.45 19.59 21.80
C LYS A 150 11.09 18.37 22.63
N GLY A 151 10.12 18.51 23.52
CA GLY A 151 9.76 17.38 24.36
C GLY A 151 9.11 16.27 23.56
N PHE A 152 8.10 16.63 22.78
CA PHE A 152 7.34 15.67 22.01
C PHE A 152 8.23 14.91 21.04
N PHE A 153 9.07 15.63 20.31
CA PHE A 153 9.80 15.00 19.21
C PHE A 153 10.94 14.13 19.75
N LEU A 154 11.68 14.63 20.78
CA LEU A 154 12.80 13.86 21.33
C LEU A 154 12.31 12.67 22.15
N VAL A 155 11.29 12.86 22.98
CA VAL A 155 10.76 11.66 23.64
C VAL A 155 10.29 10.66 22.59
N SER A 156 9.63 11.16 21.53
CA SER A 156 9.23 10.25 20.45
C SER A 156 10.44 9.51 19.89
N LEU A 157 11.53 10.24 19.68
CA LEU A 157 12.74 9.66 19.10
C LEU A 157 13.36 8.63 20.01
N LEU A 158 13.47 8.96 21.30
CA LEU A 158 14.10 8.08 22.25
C LEU A 158 13.33 6.76 22.43
N VAL A 159 11.99 6.77 22.33
CA VAL A 159 11.20 5.54 22.30
C VAL A 159 11.47 4.72 21.02
N GLU A 160 11.56 5.40 19.88
CA GLU A 160 11.98 4.77 18.62
C GLU A 160 13.28 4.03 18.78
N ILE A 161 14.29 4.75 19.26
CA ILE A 161 15.65 4.22 19.34
C ILE A 161 15.70 3.00 20.25
N ALA A 162 15.10 3.12 21.43
CA ALA A 162 14.97 1.96 22.33
C ALA A 162 14.30 0.78 21.64
N ALA A 163 13.16 1.03 20.97
CA ALA A 163 12.48 -0.09 20.30
C ALA A 163 13.33 -0.66 19.19
N ALA A 164 14.12 0.17 18.55
CA ALA A 164 14.98 -0.24 17.45
C ALA A 164 16.12 -1.13 17.90
N SER A 165 16.46 -1.13 19.17
CA SER A 165 17.40 -2.15 19.65
C SER A 165 16.91 -3.57 19.40
N ALA A 166 15.64 -3.77 19.05
CA ALA A 166 15.14 -5.10 18.73
C ALA A 166 15.20 -5.45 17.26
N ILE A 167 15.39 -4.46 16.39
CA ILE A 167 15.49 -4.74 14.95
C ILE A 167 16.67 -5.65 14.64
N LYS A 168 17.83 -5.34 15.23
CA LYS A 168 18.99 -6.23 15.33
C LYS A 168 18.62 -7.72 15.37
N VAL A 169 17.59 -8.02 16.15
CA VAL A 169 17.25 -9.40 16.47
C VAL A 169 16.42 -10.07 15.39
N ILE A 170 15.80 -9.30 14.49
CA ILE A 170 14.90 -9.91 13.52
C ILE A 170 15.58 -10.96 12.65
N PRO A 171 16.78 -10.76 12.14
CA PRO A 171 17.35 -11.81 11.29
C PRO A 171 17.64 -13.06 12.09
N THR A 172 17.93 -12.91 13.37
CA THR A 172 18.10 -14.06 14.23
C THR A 172 16.80 -14.86 14.30
N VAL A 173 15.65 -14.19 14.48
CA VAL A 173 14.34 -14.87 14.48
C VAL A 173 14.13 -15.71 13.21
N PHE A 174 14.37 -15.16 12.03
CA PHE A 174 14.03 -15.93 10.84
C PHE A 174 15.07 -17.01 10.54
N LYS A 175 16.32 -16.80 10.94
CA LYS A 175 17.34 -17.82 10.75
C LYS A 175 17.06 -18.99 11.68
N ALA A 176 16.80 -18.69 12.95
CA ALA A 176 16.34 -19.68 13.92
C ALA A 176 15.19 -20.51 13.38
N MET A 177 14.12 -19.87 12.90
CA MET A 177 13.01 -20.64 12.35
C MET A 177 13.44 -21.48 11.16
N GLN A 178 14.16 -20.89 10.21
CA GLN A 178 14.53 -21.67 9.04
C GLN A 178 15.40 -22.85 9.43
N MET A 179 16.23 -22.69 10.46
CA MET A 179 17.16 -23.72 10.91
C MET A 179 16.61 -24.59 12.03
N GLN A 180 15.34 -24.46 12.35
CA GLN A 180 14.73 -25.32 13.33
C GLN A 180 15.56 -25.26 14.61
N GLU A 181 15.95 -24.04 15.00
CA GLU A 181 16.77 -23.76 16.18
C GLU A 181 15.91 -23.19 17.32
N ARG A 182 15.18 -24.10 17.98
CA ARG A 182 14.18 -23.73 18.98
C ARG A 182 14.73 -22.83 20.09
N ASP A 183 15.90 -23.18 20.65
CA ASP A 183 16.35 -22.47 21.83
C ASP A 183 16.72 -21.02 21.48
N THR A 184 17.37 -20.79 20.32
CA THR A 184 17.79 -19.43 19.98
C THR A 184 16.59 -18.59 19.57
N LEU A 185 15.63 -19.17 18.85
CA LEU A 185 14.37 -18.48 18.61
C LEU A 185 13.80 -17.93 19.89
N LEU A 186 13.63 -18.80 20.87
CA LEU A 186 13.01 -18.38 22.13
C LEU A 186 13.81 -17.29 22.81
N LYS A 187 15.13 -17.38 22.80
CA LYS A 187 15.92 -16.35 23.48
C LYS A 187 15.85 -15.02 22.73
N ALA A 188 15.84 -15.10 21.40
CA ALA A 188 15.62 -13.95 20.53
C ALA A 188 14.28 -13.29 20.80
N LEU A 189 13.19 -14.09 20.92
CA LEU A 189 11.90 -13.46 21.20
C LEU A 189 11.93 -12.79 22.57
N LEU A 190 12.57 -13.42 23.55
CA LEU A 190 12.63 -12.79 24.86
C LEU A 190 13.39 -11.48 24.80
N GLU A 191 14.40 -11.40 23.93
CA GLU A 191 15.22 -10.19 23.83
C GLU A 191 14.43 -9.07 23.17
N ILE A 192 13.59 -9.41 22.19
CA ILE A 192 12.76 -8.40 21.54
C ILE A 192 11.80 -7.81 22.55
N ALA A 193 11.30 -8.65 23.47
CA ALA A 193 10.31 -8.18 24.42
C ALA A 193 10.96 -7.27 25.45
N SER A 194 12.18 -7.64 25.86
CA SER A 194 12.99 -6.78 26.72
C SER A 194 13.19 -5.38 26.11
N CYS A 195 13.38 -5.31 24.79
CA CYS A 195 13.58 -3.99 24.17
C CYS A 195 12.27 -3.19 24.15
N LEU A 196 11.14 -3.87 23.86
CA LEU A 196 9.85 -3.21 23.82
C LEU A 196 9.45 -2.76 25.21
N GLU A 197 9.78 -3.55 26.24
CA GLU A 197 9.56 -3.16 27.63
C GLU A 197 10.39 -1.94 28.03
N LYS A 198 11.66 -1.87 27.61
CA LYS A 198 12.47 -0.66 27.85
C LYS A 198 11.88 0.57 27.13
N ALA A 199 11.38 0.38 25.92
CA ALA A 199 10.72 1.47 25.19
C ALA A 199 9.58 2.08 25.99
N LEU A 200 8.75 1.25 26.62
CA LEU A 200 7.70 1.76 27.51
C LEU A 200 8.27 2.63 28.62
N GLN A 201 9.38 2.20 29.23
CA GLN A 201 9.96 2.96 30.33
C GLN A 201 10.50 4.30 29.85
N VAL A 202 11.08 4.36 28.64
CA VAL A 202 11.50 5.63 28.06
C VAL A 202 10.28 6.53 27.86
N PHE A 203 9.15 5.95 27.41
CA PHE A 203 7.92 6.73 27.16
C PHE A 203 7.52 7.50 28.42
N HIS A 204 7.85 6.98 29.60
CA HIS A 204 7.43 7.62 30.83
C HIS A 204 7.96 9.06 30.97
N GLN A 205 9.07 9.44 30.31
CA GLN A 205 9.58 10.81 30.36
C GLN A 205 8.67 11.83 29.68
N ILE A 206 7.63 11.42 28.97
CA ILE A 206 6.82 12.38 28.21
C ILE A 206 6.30 13.47 29.15
N HIS A 207 5.90 13.07 30.35
CA HIS A 207 5.20 13.96 31.27
C HIS A 207 6.03 15.15 31.74
N ASP A 208 7.34 15.01 31.68
CA ASP A 208 8.22 16.04 32.17
C ASP A 208 8.55 17.06 31.11
N HIS A 209 8.29 16.76 29.84
CA HIS A 209 8.73 17.62 28.77
C HIS A 209 7.59 18.11 27.90
N VAL A 210 6.35 17.72 28.20
CA VAL A 210 5.19 18.11 27.42
C VAL A 210 4.06 18.38 28.40
N ASN A 211 3.37 19.49 28.22
CA ASN A 211 2.18 19.68 29.03
C ASN A 211 0.95 19.71 28.13
N PRO A 212 -0.22 19.42 28.71
CA PRO A 212 -1.39 19.14 27.88
C PRO A 212 -1.88 20.32 27.08
N LYS A 213 -1.94 21.49 27.69
CA LYS A 213 -2.44 22.66 27.01
C LYS A 213 -1.57 22.96 25.79
N ALA A 214 -0.26 22.95 25.96
CA ALA A 214 0.61 23.25 24.82
C ALA A 214 0.43 22.22 23.72
N PHE A 215 0.33 20.93 24.09
CA PHE A 215 0.18 19.94 23.03
C PHE A 215 -1.14 20.13 22.32
N PHE A 216 -2.22 20.17 23.08
CA PHE A 216 -3.55 20.16 22.48
C PHE A 216 -3.84 21.43 21.72
N SER A 217 -3.46 22.59 22.26
CA SER A 217 -3.92 23.82 21.64
C SER A 217 -2.88 24.45 20.70
N VAL A 218 -1.61 24.01 20.72
CA VAL A 218 -0.56 24.57 19.88
C VAL A 218 0.14 23.51 19.02
N LEU A 219 0.86 22.58 19.64
CA LEU A 219 1.64 21.65 18.84
C LEU A 219 0.76 20.86 17.89
N ARG A 220 -0.38 20.40 18.38
CA ARG A 220 -1.21 19.56 17.53
C ARG A 220 -1.70 20.33 16.31
N ILE A 221 -1.82 21.65 16.44
CA ILE A 221 -2.34 22.44 15.31
C ILE A 221 -1.34 22.40 14.16
N TYR A 222 -0.05 22.54 14.47
CA TYR A 222 1.00 22.64 13.47
C TYR A 222 1.42 21.29 12.91
N LEU A 223 1.03 20.18 13.55
CA LEU A 223 1.29 18.86 12.99
C LEU A 223 0.18 18.41 12.06
N SER A 224 -0.94 19.13 12.05
CA SER A 224 -2.12 18.69 11.34
C SER A 224 -1.95 18.83 9.83
N GLY A 225 -2.63 17.99 9.06
CA GLY A 225 -2.50 17.99 7.63
C GLY A 225 -3.71 18.58 6.93
N TRP A 226 -3.72 18.36 5.61
CA TRP A 226 -4.82 18.76 4.74
C TRP A 226 -5.42 17.55 4.02
N LYS A 227 -5.82 16.51 4.75
CA LYS A 227 -6.47 15.36 4.14
C LYS A 227 -7.64 15.03 5.04
N GLY A 228 -8.86 15.19 4.53
CA GLY A 228 -10.03 15.07 5.40
C GLY A 228 -10.23 16.25 6.33
N ASN A 229 -9.66 17.40 6.02
CA ASN A 229 -9.69 18.53 6.92
C ASN A 229 -10.62 19.63 6.41
N PRO A 230 -11.68 19.95 7.15
CA PRO A 230 -12.60 21.02 6.70
C PRO A 230 -11.95 22.38 6.46
N GLN A 231 -10.91 22.73 7.21
CA GLN A 231 -10.27 24.01 7.00
C GLN A 231 -9.55 24.11 5.66
N LEU A 232 -9.23 22.97 5.04
CA LEU A 232 -8.66 22.96 3.69
C LEU A 232 -9.28 21.76 2.94
N SER A 233 -10.59 21.79 2.81
CA SER A 233 -11.36 20.61 2.45
C SER A 233 -10.97 20.00 1.11
N ASP A 234 -10.35 20.74 0.20
CA ASP A 234 -9.89 20.15 -1.06
C ASP A 234 -8.39 19.91 -1.11
N GLY A 235 -7.63 20.43 -0.15
CA GLY A 235 -6.21 20.23 -0.18
C GLY A 235 -5.48 21.54 -0.21
N LEU A 236 -4.25 21.49 -0.65
CA LEU A 236 -3.34 22.61 -0.66
C LEU A 236 -2.77 22.70 -2.07
N VAL A 237 -2.78 23.90 -2.65
CA VAL A 237 -2.20 24.11 -3.96
C VAL A 237 -0.70 24.22 -3.77
N TYR A 238 0.03 23.35 -4.46
CA TYR A 238 1.47 23.50 -4.57
C TYR A 238 1.73 24.32 -5.85
N GLU A 239 1.71 25.65 -5.69
CA GLU A 239 1.74 26.57 -6.83
C GLU A 239 3.02 26.36 -7.63
N GLY A 240 2.85 26.11 -8.92
CA GLY A 240 4.00 26.01 -9.80
C GLY A 240 4.46 24.58 -9.98
N PHE A 241 3.70 23.61 -9.46
CA PHE A 241 4.08 22.20 -9.51
C PHE A 241 2.89 21.35 -9.93
N TRP A 242 1.76 21.58 -9.30
CA TRP A 242 0.56 20.83 -9.60
C TRP A 242 -0.54 21.85 -9.77
N GLU A 243 -1.59 21.44 -10.46
CA GLU A 243 -2.61 22.34 -10.99
C GLU A 243 -3.70 22.52 -9.96
N ASP A 244 -4.29 21.42 -9.58
CA ASP A 244 -5.28 21.29 -8.54
C ASP A 244 -4.61 21.16 -7.19
N PRO A 245 -5.34 21.34 -6.11
CA PRO A 245 -4.77 21.12 -4.81
C PRO A 245 -4.76 19.64 -4.50
N LYS A 246 -3.83 19.25 -3.65
CA LYS A 246 -3.69 17.85 -3.27
C LYS A 246 -3.83 17.68 -1.77
N GLU A 247 -4.51 16.60 -1.37
CA GLU A 247 -4.57 16.19 0.02
C GLU A 247 -3.35 15.37 0.43
N PHE A 248 -2.78 15.70 1.58
CA PHE A 248 -1.80 14.86 2.25
C PHE A 248 -2.08 14.91 3.75
N ALA A 249 -1.88 13.78 4.42
CA ALA A 249 -2.21 13.67 5.84
C ALA A 249 -1.08 14.23 6.69
N GLY A 250 -1.44 14.70 7.88
CA GLY A 250 -0.45 15.26 8.77
C GLY A 250 0.48 14.22 9.37
N GLY A 251 1.46 14.73 10.11
CA GLY A 251 2.40 13.85 10.79
C GLY A 251 1.69 12.91 11.75
N SER A 252 2.18 11.68 11.81
CA SER A 252 1.62 10.70 12.73
C SER A 252 2.66 9.64 13.08
N ALA A 253 2.68 9.18 14.34
CA ALA A 253 3.49 8.01 14.66
C ALA A 253 2.96 6.70 14.04
N GLY A 254 1.75 6.71 13.49
CA GLY A 254 1.40 5.65 12.54
C GLY A 254 2.33 5.61 11.33
N GLN A 255 3.17 6.64 11.15
CA GLN A 255 4.21 6.67 10.13
C GLN A 255 5.52 6.13 10.65
N SER A 256 5.57 5.69 11.92
CA SER A 256 6.81 5.11 12.43
C SER A 256 6.92 3.70 11.90
N SER A 257 8.10 3.36 11.45
CA SER A 257 8.34 2.03 10.94
C SER A 257 8.63 1.00 12.03
N VAL A 258 9.14 1.41 13.22
CA VAL A 258 9.50 0.39 14.22
C VAL A 258 8.27 -0.32 14.68
N PHE A 259 7.22 0.43 14.97
CA PHE A 259 6.06 -0.24 15.54
C PHE A 259 5.27 -0.99 14.48
N GLN A 260 5.14 -0.43 13.28
CA GLN A 260 4.55 -1.25 12.26
C GLN A 260 5.31 -2.55 12.12
N CYS A 261 6.62 -2.51 12.31
CA CYS A 261 7.39 -3.68 11.93
C CYS A 261 7.30 -4.80 12.96
N PHE A 262 7.01 -4.48 14.24
CA PHE A 262 6.77 -5.54 15.21
C PHE A 262 5.39 -6.09 15.09
N ASP A 263 4.42 -5.33 14.57
CA ASP A 263 3.11 -5.89 14.24
C ASP A 263 3.24 -6.91 13.11
N VAL A 264 4.06 -6.61 12.10
CA VAL A 264 4.27 -7.55 11.02
C VAL A 264 5.03 -8.79 11.51
N LEU A 265 6.13 -8.59 12.23
CA LEU A 265 6.93 -9.70 12.74
C LEU A 265 6.04 -10.69 13.48
N LEU A 266 5.34 -10.19 14.47
CA LEU A 266 4.51 -11.00 15.34
C LEU A 266 3.23 -11.41 14.68
N GLY A 267 3.02 -11.02 13.44
CA GLY A 267 1.82 -11.47 12.76
C GLY A 267 0.54 -10.93 13.33
N ILE A 268 0.60 -9.77 13.96
CA ILE A 268 -0.60 -9.08 14.43
C ILE A 268 -1.26 -8.43 13.22
N GLN A 269 -2.52 -8.79 12.94
CA GLN A 269 -3.11 -8.53 11.62
C GLN A 269 -3.59 -7.10 11.55
N GLN A 270 -2.61 -6.20 11.63
CA GLN A 270 -2.89 -4.78 11.83
C GLN A 270 -3.37 -4.11 10.55
N THR A 271 -2.76 -4.45 9.41
CA THR A 271 -3.10 -3.91 8.09
C THR A 271 -3.91 -4.89 7.26
N ALA A 272 -4.85 -5.65 7.86
CA ALA A 272 -5.51 -6.71 7.11
C ALA A 272 -7.02 -6.66 7.29
N GLY A 273 -7.50 -7.24 8.40
CA GLY A 273 -8.92 -7.52 8.62
C GLY A 273 -9.84 -6.33 8.44
N GLY A 274 -9.25 -5.14 8.28
CA GLY A 274 -10.01 -3.91 8.16
C GLY A 274 -10.32 -3.44 6.74
N GLY A 275 -10.94 -2.26 6.65
CA GLY A 275 -11.38 -1.48 7.81
C GLY A 275 -10.49 -0.29 8.13
N HIS A 276 -11.01 0.65 8.92
CA HIS A 276 -10.34 1.94 9.01
C HIS A 276 -8.95 1.81 9.61
N ALA A 277 -8.83 1.14 10.75
CA ALA A 277 -7.54 1.00 11.41
C ALA A 277 -6.48 0.56 10.41
N ALA A 278 -6.75 -0.55 9.74
CA ALA A 278 -5.76 -1.18 8.88
C ALA A 278 -5.50 -0.37 7.62
N GLN A 279 -6.53 0.26 7.06
CA GLN A 279 -6.27 1.08 5.89
C GLN A 279 -5.41 2.28 6.27
N PHE A 280 -5.70 2.92 7.41
CA PHE A 280 -4.87 4.05 7.88
C PHE A 280 -3.41 3.66 8.01
N LEU A 281 -3.13 2.50 8.58
CA LEU A 281 -1.75 2.15 8.85
C LEU A 281 -1.05 1.77 7.58
N GLN A 282 -1.81 1.24 6.62
CA GLN A 282 -1.31 1.03 5.26
C GLN A 282 -1.03 2.35 4.53
N ASP A 283 -1.99 3.29 4.55
CA ASP A 283 -1.72 4.62 3.97
C ASP A 283 -0.43 5.23 4.51
N MET A 284 -0.22 5.13 5.83
CA MET A 284 0.91 5.84 6.45
C MET A 284 2.23 5.28 5.97
N ARG A 285 2.23 4.10 5.38
CA ARG A 285 3.48 3.58 4.82
C ARG A 285 3.94 4.37 3.61
N ARG A 286 3.05 5.05 2.89
CA ARG A 286 3.51 5.92 1.82
C ARG A 286 4.10 7.22 2.35
N TYR A 287 4.10 7.43 3.68
CA TYR A 287 4.77 8.57 4.30
C TYR A 287 6.09 8.18 4.93
N MET A 288 6.54 6.98 4.69
CA MET A 288 7.81 6.51 5.19
C MET A 288 8.86 6.60 4.10
N PRO A 289 10.13 6.76 4.43
CA PRO A 289 11.15 6.73 3.39
C PRO A 289 11.04 5.45 2.59
N PRO A 290 11.40 5.47 1.31
CA PRO A 290 11.14 4.29 0.48
C PRO A 290 11.81 3.03 1.00
N ALA A 291 13.05 3.11 1.47
CA ALA A 291 13.71 1.89 1.92
C ALA A 291 13.05 1.32 3.17
N HIS A 292 12.37 2.17 3.94
CA HIS A 292 11.74 1.72 5.16
C HIS A 292 10.41 1.10 4.84
N ARG A 293 9.73 1.68 3.87
CA ARG A 293 8.57 1.04 3.29
C ARG A 293 8.93 -0.35 2.75
N ASN A 294 10.12 -0.49 2.17
CA ASN A 294 10.45 -1.76 1.56
C ASN A 294 10.90 -2.79 2.58
N PHE A 295 11.53 -2.38 3.70
CA PHE A 295 11.78 -3.30 4.80
C PHE A 295 10.48 -3.97 5.26
N LEU A 296 9.43 -3.17 5.45
CA LEU A 296 8.16 -3.70 5.92
C LEU A 296 7.56 -4.73 4.96
N CYS A 297 7.63 -4.51 3.64
CA CYS A 297 7.02 -5.54 2.80
C CYS A 297 7.93 -6.76 2.65
N SER A 298 9.24 -6.57 2.85
CA SER A 298 10.16 -7.70 2.91
C SER A 298 9.82 -8.58 4.10
N LEU A 299 9.65 -7.98 5.28
CA LEU A 299 9.27 -8.76 6.45
C LEU A 299 8.04 -9.59 6.16
N GLU A 300 7.07 -8.98 5.47
CA GLU A 300 5.82 -9.67 5.14
C GLU A 300 6.04 -10.85 4.23
N SER A 301 7.13 -10.86 3.44
CA SER A 301 7.36 -11.98 2.54
C SER A 301 7.97 -13.19 3.24
N ASN A 302 8.48 -13.01 4.46
CA ASN A 302 9.05 -14.09 5.24
C ASN A 302 7.95 -14.97 5.82
N PRO A 303 8.32 -16.17 6.25
CA PRO A 303 7.32 -17.06 6.86
C PRO A 303 6.84 -16.46 8.16
N SER A 304 5.63 -16.83 8.54
CA SER A 304 5.01 -16.24 9.71
C SER A 304 5.67 -16.77 10.99
N VAL A 305 6.19 -15.85 11.80
CA VAL A 305 6.57 -16.16 13.17
C VAL A 305 5.38 -16.69 13.96
N ARG A 306 4.23 -16.03 13.84
CA ARG A 306 3.08 -16.50 14.59
C ARG A 306 2.70 -17.93 14.23
N GLU A 307 2.72 -18.30 12.95
CA GLU A 307 2.27 -19.65 12.59
C GLU A 307 3.26 -20.69 13.09
N PHE A 308 4.55 -20.39 12.91
CA PHE A 308 5.60 -21.26 13.41
C PHE A 308 5.40 -21.56 14.89
N VAL A 309 5.21 -20.52 15.72
CA VAL A 309 5.06 -20.72 17.16
C VAL A 309 3.76 -21.44 17.48
N LEU A 310 2.66 -21.04 16.82
CA LEU A 310 1.37 -21.64 17.12
C LEU A 310 1.41 -23.16 16.95
N SER A 311 2.21 -23.64 16.02
CA SER A 311 2.17 -25.00 15.53
C SER A 311 3.17 -25.91 16.22
N LYS A 312 3.64 -25.55 17.41
CA LYS A 312 4.79 -26.23 17.96
C LYS A 312 4.54 -26.85 19.34
N GLY A 313 3.41 -26.55 19.98
CA GLY A 313 3.06 -27.23 21.23
C GLY A 313 4.11 -27.08 22.31
N ASP A 314 4.72 -25.91 22.39
CA ASP A 314 5.96 -25.67 23.12
C ASP A 314 5.67 -24.48 24.02
N ALA A 315 5.44 -24.73 25.31
CA ALA A 315 4.89 -23.66 26.13
C ALA A 315 5.87 -22.52 26.35
N GLY A 316 7.18 -22.81 26.42
CA GLY A 316 8.17 -21.74 26.59
C GLY A 316 8.27 -20.85 25.37
N LEU A 317 8.16 -21.44 24.20
CA LEU A 317 8.17 -20.66 22.97
C LEU A 317 6.92 -19.80 22.86
N ARG A 318 5.76 -20.33 23.29
N ARG A 318 5.76 -20.32 23.27
CA ARG A 318 4.52 -19.56 23.31
CA ARG A 318 4.53 -19.53 23.30
C ARG A 318 4.62 -18.39 24.29
C ARG A 318 4.63 -18.38 24.29
N GLU A 319 5.28 -18.59 25.43
CA GLU A 319 5.44 -17.52 26.39
C GLU A 319 6.32 -16.43 25.84
N ALA A 320 7.42 -16.81 25.20
CA ALA A 320 8.31 -15.80 24.66
C ALA A 320 7.58 -14.98 23.61
N TYR A 321 6.84 -15.63 22.71
CA TYR A 321 6.01 -14.92 21.74
C TYR A 321 5.07 -13.95 22.44
N ASP A 322 4.26 -14.47 23.37
CA ASP A 322 3.32 -13.66 24.12
C ASP A 322 4.01 -12.52 24.85
N ALA A 323 5.24 -12.71 25.29
CA ALA A 323 5.91 -11.65 26.02
C ALA A 323 6.14 -10.42 25.13
N CYS A 324 6.42 -10.67 23.84
CA CYS A 324 6.52 -9.62 22.83
C CYS A 324 5.18 -8.94 22.57
N VAL A 325 4.14 -9.76 22.37
CA VAL A 325 2.80 -9.21 22.15
C VAL A 325 2.36 -8.40 23.35
N LYS A 326 2.57 -8.95 24.53
CA LYS A 326 2.16 -8.26 25.74
C LYS A 326 2.84 -6.91 25.82
N ALA A 327 4.11 -6.85 25.46
CA ALA A 327 4.84 -5.60 25.52
C ALA A 327 4.20 -4.58 24.59
N LEU A 328 3.73 -5.01 23.40
CA LEU A 328 3.02 -4.07 22.53
C LEU A 328 1.69 -3.65 23.16
N VAL A 329 1.06 -4.55 23.89
CA VAL A 329 -0.20 -4.19 24.52
C VAL A 329 0.04 -3.19 25.64
N SER A 330 1.06 -3.42 26.45
CA SER A 330 1.37 -2.50 27.52
C SER A 330 1.73 -1.10 26.96
N LEU A 331 2.51 -1.06 25.86
CA LEU A 331 2.85 0.21 25.20
C LEU A 331 1.60 0.96 24.75
N ARG A 332 0.70 0.25 24.07
CA ARG A 332 -0.52 0.85 23.54
C ARG A 332 -1.51 1.24 24.62
N SER A 333 -1.58 0.51 25.73
CA SER A 333 -2.46 0.89 26.84
C SER A 333 -1.94 2.14 27.54
N TYR A 334 -0.64 2.16 27.79
CA TYR A 334 -0.01 3.36 28.30
C TYR A 334 -0.25 4.55 27.37
N HIS A 335 -0.16 4.30 26.07
CA HIS A 335 -0.35 5.36 25.10
C HIS A 335 -1.76 5.92 25.16
N LEU A 336 -2.76 5.08 25.42
CA LEU A 336 -4.11 5.64 25.55
C LEU A 336 -4.24 6.47 26.82
N GLN A 337 -3.50 6.15 27.87
CA GLN A 337 -3.54 7.03 29.02
C GLN A 337 -2.99 8.38 28.65
N ILE A 338 -1.89 8.38 27.90
CA ILE A 338 -1.31 9.64 27.43
C ILE A 338 -2.28 10.37 26.53
N VAL A 339 -3.04 9.65 25.72
CA VAL A 339 -3.99 10.35 24.85
C VAL A 339 -5.12 10.96 25.68
N THR A 340 -5.53 10.29 26.75
CA THR A 340 -6.46 10.89 27.72
C THR A 340 -5.92 12.18 28.32
N LYS A 341 -4.67 12.16 28.80
CA LYS A 341 -4.13 13.37 29.42
C LYS A 341 -3.92 14.50 28.41
N TYR A 342 -3.39 14.21 27.22
CA TYR A 342 -2.92 15.27 26.32
C TYR A 342 -3.93 15.66 25.26
N ILE A 343 -5.02 14.91 25.10
CA ILE A 343 -6.03 15.29 24.14
C ILE A 343 -7.39 15.35 24.80
N LEU A 344 -7.86 14.23 25.33
CA LEU A 344 -9.26 14.15 25.77
C LEU A 344 -9.59 15.12 26.89
N ILE A 345 -8.70 15.25 27.86
CA ILE A 345 -9.03 16.11 28.99
C ILE A 345 -8.98 17.55 28.51
N PRO A 346 -7.86 18.06 27.94
CA PRO A 346 -7.88 19.43 27.40
C PRO A 346 -9.09 19.69 26.51
N ALA A 347 -9.39 18.78 25.58
CA ALA A 347 -10.59 18.88 24.76
C ALA A 347 -11.86 19.12 25.57
N SER A 348 -11.96 18.51 26.76
CA SER A 348 -13.19 18.63 27.54
C SER A 348 -13.31 20.01 28.16
N GLN A 349 -12.18 20.66 28.41
CA GLN A 349 -12.09 21.93 29.10
C GLN A 349 -12.30 23.13 28.19
N GLN A 350 -12.83 22.92 26.96
CA GLN A 350 -12.92 23.97 25.95
C GLN A 350 -14.30 24.60 25.95
N PRO A 351 -14.44 25.95 25.93
CA PRO A 351 -15.71 26.68 25.84
C PRO A 351 -16.88 25.90 25.21
N GLU A 363 -16.54 15.15 21.88
CA GLU A 363 -16.37 13.86 21.22
C GLU A 363 -15.45 13.85 20.00
N GLU A 364 -14.75 14.97 19.74
CA GLU A 364 -13.87 15.13 18.57
C GLU A 364 -13.74 16.63 18.30
N ALA A 365 -12.62 17.21 17.78
CA ALA A 365 -11.19 16.74 17.73
C ALA A 365 -10.88 15.43 16.99
N LYS A 366 -10.31 15.56 15.79
CA LYS A 366 -10.39 14.43 14.86
C LYS A 366 -9.20 13.48 14.97
N GLY A 367 -8.11 13.67 14.28
CA GLY A 367 -7.14 12.59 14.14
C GLY A 367 -6.65 12.55 12.71
N THR A 368 -5.45 12.01 12.52
CA THR A 368 -4.77 12.17 11.24
C THR A 368 -5.64 11.68 10.09
N GLY A 369 -5.75 12.52 9.05
CA GLY A 369 -6.55 12.20 7.88
C GLY A 369 -8.06 12.11 8.09
N GLY A 370 -8.58 12.70 9.16
CA GLY A 370 -10.01 12.70 9.45
C GLY A 370 -10.48 11.57 10.34
N THR A 371 -9.59 10.71 10.81
CA THR A 371 -9.98 9.51 11.54
C THR A 371 -10.63 9.85 12.89
N ASP A 372 -11.45 8.90 13.38
CA ASP A 372 -11.90 8.93 14.77
C ASP A 372 -10.82 8.26 15.63
N LEU A 373 -10.18 9.03 16.53
CA LEU A 373 -8.90 8.58 17.03
C LEU A 373 -9.01 7.62 18.22
N MET A 374 -10.00 7.77 19.08
CA MET A 374 -10.18 6.79 20.13
C MET A 374 -10.53 5.43 19.52
N ASN A 375 -11.37 5.42 18.49
CA ASN A 375 -11.73 4.12 17.93
C ASN A 375 -10.53 3.49 17.25
N PHE A 376 -9.73 4.31 16.57
CA PHE A 376 -8.55 3.78 15.90
C PHE A 376 -7.60 3.15 16.91
N LEU A 377 -7.35 3.84 18.03
CA LEU A 377 -6.30 3.36 18.92
C LEU A 377 -6.77 2.14 19.70
N LYS A 378 -8.04 2.13 20.13
CA LYS A 378 -8.64 0.99 20.83
C LYS A 378 -8.74 -0.24 19.93
N THR A 379 -9.11 -0.06 18.66
CA THR A 379 -9.08 -1.18 17.71
C THR A 379 -7.68 -1.76 17.56
N VAL A 380 -6.66 -0.90 17.45
CA VAL A 380 -5.31 -1.41 17.30
C VAL A 380 -4.86 -2.13 18.56
N ARG A 381 -5.20 -1.58 19.72
CA ARG A 381 -4.87 -2.24 20.98
C ARG A 381 -5.59 -3.59 21.10
N SER A 382 -6.90 -3.59 20.90
CA SER A 382 -7.69 -4.82 20.91
C SER A 382 -7.12 -5.89 19.97
N THR A 383 -6.86 -5.50 18.71
CA THR A 383 -6.24 -6.43 17.77
C THR A 383 -4.93 -6.99 18.35
N THR A 384 -4.14 -6.16 19.04
CA THR A 384 -2.89 -6.68 19.59
C THR A 384 -3.17 -7.66 20.73
N GLU A 385 -4.14 -7.34 21.59
CA GLU A 385 -4.38 -8.12 22.80
C GLU A 385 -4.89 -9.52 22.44
N LYS A 386 -5.80 -9.57 21.50
CA LYS A 386 -6.33 -10.81 20.97
C LYS A 386 -5.34 -11.57 20.13
N SER A 387 -4.11 -11.07 19.90
CA SER A 387 -3.10 -11.93 19.28
C SER A 387 -2.37 -12.78 20.30
N LEU A 388 -2.62 -12.55 21.59
CA LEU A 388 -1.99 -13.38 22.59
C LEU A 388 -2.51 -14.79 22.43
N LEU A 389 -1.66 -15.77 22.73
CA LEU A 389 -2.04 -17.16 22.57
C LEU A 389 -2.69 -17.68 23.85
N LYS A 390 -2.09 -17.33 25.00
CA LYS A 390 -2.72 -17.46 26.31
C LYS A 390 -3.05 -16.07 26.86
N GLU A 391 -4.15 -15.98 27.60
CA GLU A 391 -4.40 -14.83 28.46
C GLU A 391 -3.29 -14.69 29.50
N SER B 1 11.69 -17.06 -10.73
CA SER B 1 12.07 -18.35 -10.21
C SER B 1 10.82 -19.16 -9.83
N LYS B 2 10.94 -20.03 -8.82
CA LYS B 2 9.85 -20.86 -8.30
C LYS B 2 9.33 -20.39 -6.96
N GLU B 3 10.12 -19.62 -6.21
CA GLU B 3 9.64 -19.05 -4.95
C GLU B 3 8.66 -17.91 -5.17
N TYR B 4 8.75 -17.23 -6.31
CA TYR B 4 7.81 -16.19 -6.69
C TYR B 4 6.70 -16.71 -7.59
N HIS B 5 6.69 -18.01 -7.92
CA HIS B 5 5.59 -18.65 -8.63
C HIS B 5 5.34 -17.99 -9.97
N ILE B 6 6.41 -17.96 -10.78
CA ILE B 6 6.44 -17.34 -12.09
C ILE B 6 6.78 -18.44 -13.09
N ASP B 7 6.00 -18.51 -14.14
CA ASP B 7 6.19 -19.49 -15.20
C ASP B 7 6.92 -18.85 -16.37
N GLU B 8 7.86 -19.58 -16.96
CA GLU B 8 8.67 -18.95 -17.99
C GLU B 8 7.86 -18.71 -19.26
N GLU B 9 6.75 -19.42 -19.42
CA GLU B 9 5.89 -19.30 -20.59
C GLU B 9 4.68 -18.39 -20.35
N VAL B 10 3.97 -18.54 -19.23
CA VAL B 10 2.73 -17.79 -19.00
C VAL B 10 2.83 -16.81 -17.83
N GLY B 11 4.00 -16.67 -17.21
CA GLY B 11 4.26 -15.58 -16.29
C GLY B 11 3.58 -15.73 -14.96
N PHE B 12 2.77 -14.74 -14.63
CA PHE B 12 1.97 -14.81 -13.41
C PHE B 12 0.72 -15.68 -13.55
N ALA B 13 0.35 -16.09 -14.76
CA ALA B 13 -0.82 -16.94 -14.92
C ALA B 13 -0.51 -18.33 -14.40
N LEU B 14 -1.51 -18.97 -13.80
CA LEU B 14 -1.39 -20.36 -13.37
C LEU B 14 -1.18 -21.25 -14.60
N PRO B 15 -0.09 -22.01 -14.66
CA PRO B 15 0.11 -22.91 -15.81
C PRO B 15 -0.68 -24.21 -15.63
N ASN B 16 -1.25 -24.72 -16.74
CA ASN B 16 -2.13 -25.91 -16.72
C ASN B 16 -3.04 -25.88 -15.50
N PRO B 17 -3.97 -24.93 -15.45
CA PRO B 17 -4.98 -24.95 -14.40
C PRO B 17 -5.70 -26.30 -14.36
N GLN B 18 -5.99 -26.75 -13.13
CA GLN B 18 -6.81 -27.93 -12.96
C GLN B 18 -8.22 -27.69 -13.50
N GLU B 19 -8.74 -28.70 -14.21
CA GLU B 19 -10.09 -28.66 -14.80
C GLU B 19 -11.16 -29.26 -13.89
N ASN B 20 -10.81 -30.26 -13.07
CA ASN B 20 -11.76 -31.00 -12.24
C ASN B 20 -11.22 -31.06 -10.82
N LEU B 21 -12.15 -31.12 -9.87
CA LEU B 21 -11.85 -31.15 -8.44
C LEU B 21 -11.80 -32.59 -7.93
N PRO B 22 -11.70 -32.82 -6.61
CA PRO B 22 -11.97 -34.15 -6.07
C PRO B 22 -13.46 -34.49 -6.10
N ASP B 23 -13.75 -35.78 -6.29
CA ASP B 23 -15.14 -36.23 -6.26
C ASP B 23 -15.83 -35.73 -4.99
N PHE B 24 -15.11 -35.62 -3.87
CA PHE B 24 -15.69 -35.11 -2.64
C PHE B 24 -16.41 -33.77 -2.83
N TYR B 25 -16.11 -33.03 -3.91
CA TYR B 25 -16.61 -31.66 -4.10
C TYR B 25 -17.55 -31.53 -5.30
N ASN B 26 -18.10 -32.64 -5.81
CA ASN B 26 -18.98 -32.57 -6.99
C ASN B 26 -20.20 -31.68 -6.74
N ASP B 27 -20.57 -31.45 -5.48
CA ASP B 27 -21.67 -30.53 -5.16
C ASP B 27 -21.27 -29.08 -5.39
N TRP B 28 -19.96 -28.79 -5.31
CA TRP B 28 -19.40 -27.49 -5.67
C TRP B 28 -19.33 -27.34 -7.18
N MET B 29 -18.71 -28.31 -7.85
CA MET B 29 -18.49 -28.19 -9.28
C MET B 29 -19.78 -28.25 -10.07
N PHE B 30 -20.81 -28.95 -9.57
CA PHE B 30 -22.05 -29.02 -10.34
C PHE B 30 -22.67 -27.64 -10.46
N ILE B 31 -22.86 -26.95 -9.33
CA ILE B 31 -23.38 -25.58 -9.35
C ILE B 31 -22.53 -24.72 -10.27
N ALA B 32 -21.22 -24.69 -10.03
CA ALA B 32 -20.30 -23.85 -10.79
C ALA B 32 -20.40 -24.10 -12.28
N LYS B 33 -20.42 -25.36 -12.71
CA LYS B 33 -20.44 -25.60 -14.15
C LYS B 33 -21.82 -25.40 -14.77
N HIS B 34 -22.85 -25.05 -13.96
CA HIS B 34 -24.20 -24.75 -14.48
C HIS B 34 -24.70 -23.39 -14.05
N LEU B 35 -23.81 -22.41 -13.84
CA LEU B 35 -24.30 -21.09 -13.45
C LEU B 35 -25.26 -20.55 -14.51
N PRO B 36 -24.99 -20.65 -15.81
CA PRO B 36 -25.96 -20.11 -16.77
C PRO B 36 -27.37 -20.66 -16.60
N ASP B 37 -27.55 -21.98 -16.33
CA ASP B 37 -28.90 -22.57 -16.22
C ASP B 37 -29.51 -22.25 -14.88
N LEU B 38 -28.79 -22.54 -13.80
CA LEU B 38 -29.32 -22.31 -12.45
C LEU B 38 -29.65 -20.84 -12.20
N ILE B 39 -28.87 -19.91 -12.79
CA ILE B 39 -29.16 -18.47 -12.65
C ILE B 39 -30.45 -18.15 -13.38
N GLU B 40 -30.48 -18.47 -14.67
CA GLU B 40 -31.61 -18.08 -15.51
C GLU B 40 -32.93 -18.67 -14.99
N SER B 41 -32.88 -19.88 -14.46
CA SER B 41 -34.02 -20.57 -13.89
C SER B 41 -34.33 -20.21 -12.42
N GLY B 42 -33.55 -19.38 -11.74
CA GLY B 42 -33.89 -19.03 -10.37
C GLY B 42 -33.62 -20.13 -9.37
N GLN B 43 -32.88 -21.14 -9.76
CA GLN B 43 -32.51 -22.21 -8.85
C GLN B 43 -31.15 -22.06 -8.21
N LEU B 44 -30.34 -21.09 -8.61
CA LEU B 44 -28.98 -21.06 -8.09
C LEU B 44 -28.99 -20.80 -6.60
N ARG B 45 -29.79 -19.85 -6.14
CA ARG B 45 -29.72 -19.51 -4.74
C ARG B 45 -30.17 -20.69 -3.86
N GLU B 46 -31.33 -21.31 -4.14
CA GLU B 46 -31.74 -22.45 -3.33
C GLU B 46 -30.61 -23.47 -3.25
N ARG B 47 -30.03 -23.80 -4.41
CA ARG B 47 -29.04 -24.87 -4.45
C ARG B 47 -27.80 -24.58 -3.62
N VAL B 48 -27.54 -23.29 -3.35
CA VAL B 48 -26.43 -22.92 -2.48
C VAL B 48 -26.84 -23.03 -1.01
N GLU B 49 -28.01 -22.49 -0.66
CA GLU B 49 -28.50 -22.58 0.72
C GLU B 49 -28.64 -24.04 1.15
N LYS B 50 -28.96 -24.91 0.21
CA LYS B 50 -29.20 -26.34 0.40
C LYS B 50 -27.92 -27.17 0.40
N LEU B 51 -26.75 -26.54 0.27
CA LEU B 51 -25.48 -27.27 0.25
C LEU B 51 -25.10 -27.74 1.66
N ASN B 52 -24.34 -28.84 1.72
CA ASN B 52 -23.69 -29.24 2.97
C ASN B 52 -22.31 -28.59 3.10
N MET B 53 -22.07 -27.89 4.22
CA MET B 53 -20.74 -27.39 4.55
C MET B 53 -19.69 -28.47 4.29
N LEU B 54 -18.71 -28.16 3.46
CA LEU B 54 -17.67 -29.13 3.14
C LEU B 54 -16.34 -28.66 3.71
N SER B 55 -15.45 -29.64 3.94
CA SER B 55 -14.16 -29.33 4.48
C SER B 55 -13.21 -28.90 3.36
N ILE B 56 -12.26 -28.01 3.68
CA ILE B 56 -11.23 -27.69 2.69
C ILE B 56 -10.08 -28.69 2.74
N ASP B 57 -10.05 -29.56 3.76
CA ASP B 57 -8.92 -30.43 4.04
C ASP B 57 -8.72 -31.52 2.99
N HIS B 58 -9.58 -31.64 1.98
CA HIS B 58 -9.37 -32.54 0.86
C HIS B 58 -8.86 -31.83 -0.38
N LEU B 59 -8.46 -30.57 -0.27
CA LEU B 59 -7.82 -29.85 -1.36
C LEU B 59 -6.33 -29.87 -1.05
N THR B 60 -5.62 -30.82 -1.66
CA THR B 60 -4.25 -31.15 -1.26
C THR B 60 -3.21 -30.22 -1.91
N ASP B 61 -3.19 -30.14 -3.23
CA ASP B 61 -2.20 -29.35 -3.95
C ASP B 61 -2.70 -27.93 -4.27
N HIS B 62 -1.76 -27.05 -4.58
CA HIS B 62 -2.06 -25.64 -4.80
C HIS B 62 -2.97 -25.46 -6.01
N LYS B 63 -2.78 -26.27 -7.07
CA LYS B 63 -3.64 -26.20 -8.25
C LYS B 63 -5.09 -26.60 -7.99
N SER B 64 -5.35 -27.40 -6.95
CA SER B 64 -6.71 -27.73 -6.57
C SER B 64 -7.31 -26.67 -5.69
N GLN B 65 -6.51 -26.13 -4.77
CA GLN B 65 -6.97 -25.01 -3.95
C GLN B 65 -7.35 -23.81 -4.81
N ARG B 66 -6.70 -23.65 -5.96
CA ARG B 66 -6.99 -22.48 -6.78
C ARG B 66 -8.28 -22.67 -7.57
N LEU B 67 -8.45 -23.84 -8.20
CA LEU B 67 -9.74 -24.18 -8.80
C LEU B 67 -10.87 -23.93 -7.80
N ALA B 68 -10.70 -24.41 -6.58
CA ALA B 68 -11.77 -24.27 -5.59
C ALA B 68 -12.06 -22.80 -5.34
N ARG B 69 -11.01 -21.98 -5.21
CA ARG B 69 -11.22 -20.53 -5.12
C ARG B 69 -12.02 -20.02 -6.30
N LEU B 70 -11.73 -20.55 -7.51
CA LEU B 70 -12.44 -20.11 -8.69
C LEU B 70 -13.89 -20.57 -8.67
N VAL B 71 -14.13 -21.80 -8.20
CA VAL B 71 -15.48 -22.35 -8.17
C VAL B 71 -16.34 -21.57 -7.19
N LEU B 72 -15.84 -21.40 -5.95
CA LEU B 72 -16.61 -20.68 -4.93
C LEU B 72 -16.72 -19.22 -5.27
N GLY B 73 -15.70 -18.65 -5.91
CA GLY B 73 -15.76 -17.26 -6.29
C GLY B 73 -16.86 -17.00 -7.28
N CYS B 74 -16.89 -17.78 -8.37
CA CYS B 74 -17.96 -17.60 -9.35
C CYS B 74 -19.34 -17.85 -8.72
N ILE B 75 -19.43 -18.87 -7.86
CA ILE B 75 -20.71 -19.18 -7.20
C ILE B 75 -21.13 -18.00 -6.34
N THR B 76 -20.20 -17.46 -5.55
CA THR B 76 -20.53 -16.31 -4.71
C THR B 76 -21.03 -15.11 -5.53
N MET B 77 -20.45 -14.87 -6.72
CA MET B 77 -20.92 -13.74 -7.55
C MET B 77 -22.33 -13.99 -8.03
N ALA B 78 -22.61 -15.21 -8.50
CA ALA B 78 -23.95 -15.58 -8.94
C ALA B 78 -24.96 -15.51 -7.79
N TYR B 79 -24.59 -16.02 -6.62
CA TYR B 79 -25.48 -15.89 -5.49
C TYR B 79 -25.81 -14.42 -5.22
N VAL B 80 -24.77 -13.58 -5.13
CA VAL B 80 -24.98 -12.21 -4.65
C VAL B 80 -25.74 -11.40 -5.68
N TRP B 81 -25.37 -11.49 -6.97
CA TRP B 81 -26.00 -10.67 -7.99
C TRP B 81 -27.21 -11.34 -8.63
N GLY B 82 -27.37 -12.65 -8.45
CA GLY B 82 -28.55 -13.31 -9.00
C GLY B 82 -28.58 -13.22 -10.52
N LYS B 83 -29.73 -12.83 -11.06
CA LYS B 83 -29.90 -12.75 -12.51
C LYS B 83 -29.27 -11.49 -13.10
N GLY B 84 -28.71 -10.63 -12.26
CA GLY B 84 -27.95 -9.48 -12.73
C GLY B 84 -28.74 -8.23 -13.01
N HIS B 85 -29.83 -7.99 -12.28
CA HIS B 85 -30.73 -6.86 -12.53
C HIS B 85 -30.99 -6.06 -11.27
N GLY B 86 -30.18 -6.23 -10.25
CA GLY B 86 -30.27 -5.45 -9.02
C GLY B 86 -30.96 -6.12 -7.84
N ASP B 87 -31.59 -7.29 -8.01
CA ASP B 87 -32.20 -8.00 -6.87
C ASP B 87 -31.09 -8.78 -6.18
N VAL B 88 -30.53 -8.23 -5.12
CA VAL B 88 -29.27 -8.73 -4.58
C VAL B 88 -29.53 -9.42 -3.25
N ARG B 89 -28.64 -10.36 -2.93
CA ARG B 89 -28.50 -10.90 -1.59
C ARG B 89 -27.49 -10.05 -0.79
N LYS B 90 -27.57 -10.16 0.53
CA LYS B 90 -26.65 -9.46 1.43
C LYS B 90 -26.01 -10.41 2.43
N VAL B 91 -26.25 -11.71 2.31
CA VAL B 91 -25.76 -12.69 3.27
C VAL B 91 -25.34 -13.92 2.49
N LEU B 92 -24.07 -14.29 2.63
CA LEU B 92 -23.62 -15.53 2.05
C LEU B 92 -23.90 -16.68 3.03
N PRO B 93 -24.64 -17.72 2.63
CA PRO B 93 -25.01 -18.78 3.60
C PRO B 93 -23.80 -19.47 4.22
N ARG B 94 -23.90 -19.79 5.52
CA ARG B 94 -22.74 -20.35 6.23
C ARG B 94 -22.14 -21.55 5.50
N ASN B 95 -22.96 -22.38 4.86
CA ASN B 95 -22.43 -23.60 4.29
C ASN B 95 -21.43 -23.37 3.16
N ILE B 96 -21.38 -22.15 2.58
CA ILE B 96 -20.45 -21.79 1.52
C ILE B 96 -19.52 -20.66 2.00
N ALA B 97 -20.04 -19.75 2.82
CA ALA B 97 -19.24 -18.65 3.34
C ALA B 97 -18.06 -19.14 4.16
N VAL B 98 -18.21 -20.26 4.85
CA VAL B 98 -17.18 -20.68 5.79
C VAL B 98 -16.05 -21.33 5.01
N PRO B 99 -16.27 -22.40 4.24
CA PRO B 99 -15.14 -22.92 3.45
C PRO B 99 -14.51 -21.86 2.54
N TYR B 100 -15.30 -20.93 1.98
CA TYR B 100 -14.73 -19.88 1.13
C TYR B 100 -13.69 -19.10 1.90
N CYS B 101 -14.08 -18.52 3.05
CA CYS B 101 -13.15 -17.73 3.84
C CYS B 101 -11.98 -18.56 4.37
N GLN B 102 -12.20 -19.85 4.64
CA GLN B 102 -11.10 -20.73 5.04
C GLN B 102 -10.08 -20.86 3.92
N LEU B 103 -10.52 -21.35 2.76
CA LEU B 103 -9.64 -21.52 1.61
C LEU B 103 -8.96 -20.20 1.27
N SER B 104 -9.74 -19.12 1.25
CA SER B 104 -9.19 -17.80 1.00
C SER B 104 -8.16 -17.43 2.05
N LYS B 105 -8.42 -17.75 3.31
CA LYS B 105 -7.44 -17.44 4.34
C LYS B 105 -6.18 -18.29 4.15
N LYS B 106 -6.34 -19.52 3.67
CA LYS B 106 -5.18 -20.39 3.51
C LYS B 106 -4.30 -19.93 2.36
N LEU B 107 -4.91 -19.42 1.29
CA LEU B 107 -4.18 -18.89 0.15
C LEU B 107 -3.86 -17.40 0.29
N GLU B 108 -4.23 -16.78 1.40
CA GLU B 108 -3.93 -15.37 1.66
C GLU B 108 -4.54 -14.48 0.58
N LEU B 109 -5.77 -14.75 0.24
CA LEU B 109 -6.53 -13.86 -0.61
C LEU B 109 -7.83 -13.48 0.07
N PRO B 110 -8.49 -12.44 -0.41
CA PRO B 110 -9.81 -12.10 0.08
C PRO B 110 -10.86 -13.05 -0.47
N PRO B 111 -12.05 -13.28 0.34
CA PRO B 111 -13.14 -14.14 -0.12
C PRO B 111 -14.03 -13.45 -1.15
N ILE B 112 -13.43 -13.12 -2.29
CA ILE B 112 -14.17 -12.64 -3.45
C ILE B 112 -13.39 -13.07 -4.67
N LEU B 113 -14.09 -13.19 -5.79
CA LEU B 113 -13.45 -13.49 -7.04
C LEU B 113 -12.49 -12.35 -7.42
N VAL B 114 -11.23 -12.69 -7.69
CA VAL B 114 -10.21 -11.74 -8.13
C VAL B 114 -9.70 -12.14 -9.51
N TYR B 115 -8.94 -11.23 -10.12
CA TYR B 115 -8.32 -11.43 -11.44
C TYR B 115 -7.53 -12.72 -11.52
N ALA B 116 -6.76 -13.01 -10.49
CA ALA B 116 -6.01 -14.24 -10.44
C ALA B 116 -6.91 -15.48 -10.45
N ASP B 117 -8.17 -15.36 -10.05
CA ASP B 117 -9.09 -16.50 -10.17
C ASP B 117 -9.65 -16.59 -11.56
N CYS B 118 -10.39 -15.55 -11.97
CA CYS B 118 -11.23 -15.66 -13.15
C CYS B 118 -10.49 -15.39 -14.45
N VAL B 119 -9.25 -14.90 -14.41
CA VAL B 119 -8.43 -14.79 -15.61
C VAL B 119 -7.27 -15.79 -15.55
N LEU B 120 -6.43 -15.69 -14.53
CA LEU B 120 -5.14 -16.40 -14.53
C LEU B 120 -5.30 -17.91 -14.34
N ALA B 121 -6.28 -18.37 -13.53
CA ALA B 121 -6.55 -19.80 -13.37
C ALA B 121 -7.83 -20.26 -14.05
N ASN B 122 -8.46 -19.43 -14.89
CA ASN B 122 -9.75 -19.81 -15.46
C ASN B 122 -9.61 -20.20 -16.92
N TRP B 123 -8.77 -21.19 -17.24
CA TRP B 123 -8.46 -21.41 -18.64
C TRP B 123 -7.93 -22.83 -18.86
N LYS B 124 -7.94 -23.25 -20.13
CA LYS B 124 -7.44 -24.55 -20.56
C LYS B 124 -7.14 -24.48 -22.05
N LYS B 125 -6.25 -25.35 -22.46
CA LYS B 125 -5.96 -25.58 -23.87
C LYS B 125 -6.93 -26.65 -24.38
N LYS B 126 -7.42 -26.48 -25.62
CA LYS B 126 -8.18 -27.55 -26.27
C LYS B 126 -7.24 -28.74 -26.49
N ASP B 127 -6.28 -28.58 -27.42
CA ASP B 127 -5.26 -29.58 -27.75
C ASP B 127 -3.91 -29.19 -27.16
N PRO B 128 -3.39 -29.90 -26.13
CA PRO B 128 -2.08 -29.52 -25.55
C PRO B 128 -0.92 -29.36 -26.53
N ASN B 129 -0.97 -30.00 -27.70
CA ASN B 129 0.17 -29.93 -28.61
C ASN B 129 0.16 -28.70 -29.50
N LYS B 130 -0.95 -27.97 -29.54
CA LYS B 130 -1.08 -26.73 -30.32
C LYS B 130 -0.63 -25.55 -29.45
N PRO B 131 -0.54 -24.34 -30.00
CA PRO B 131 -0.02 -23.21 -29.22
C PRO B 131 -1.11 -22.41 -28.50
N LEU B 132 -0.69 -21.74 -27.42
CA LEU B 132 -1.60 -20.84 -26.71
C LEU B 132 -2.09 -19.70 -27.60
N THR B 133 -3.14 -19.96 -28.37
CA THR B 133 -3.82 -18.95 -29.16
C THR B 133 -5.30 -19.03 -28.83
N TYR B 134 -6.03 -17.95 -29.13
CA TYR B 134 -7.45 -17.91 -28.78
C TYR B 134 -8.17 -19.15 -29.29
N GLU B 135 -7.82 -19.59 -30.50
CA GLU B 135 -8.51 -20.66 -31.22
C GLU B 135 -8.29 -22.00 -30.55
N ASN B 136 -7.19 -22.15 -29.80
CA ASN B 136 -6.89 -23.36 -29.08
C ASN B 136 -7.18 -23.27 -27.58
N MET B 137 -8.00 -22.30 -27.15
CA MET B 137 -8.20 -22.13 -25.70
C MET B 137 -9.67 -21.95 -25.33
N ASP B 138 -9.96 -22.26 -24.07
CA ASP B 138 -11.26 -22.00 -23.48
C ASP B 138 -11.12 -21.58 -22.02
N VAL B 139 -12.18 -20.99 -21.47
CA VAL B 139 -12.26 -20.74 -20.03
C VAL B 139 -12.94 -21.95 -19.39
N LEU B 140 -12.76 -22.10 -18.07
CA LEU B 140 -13.43 -23.15 -17.32
C LEU B 140 -14.85 -22.78 -16.90
N PHE B 141 -15.11 -21.50 -16.61
CA PHE B 141 -16.42 -21.11 -16.13
C PHE B 141 -16.89 -19.80 -16.75
N SER B 142 -18.22 -19.71 -16.93
CA SER B 142 -18.94 -18.50 -17.32
C SER B 142 -20.02 -18.18 -16.29
N PHE B 143 -20.70 -17.06 -16.49
CA PHE B 143 -21.84 -16.71 -15.64
C PHE B 143 -23.17 -16.93 -16.38
N ARG B 144 -23.35 -16.25 -17.51
CA ARG B 144 -24.54 -16.36 -18.31
C ARG B 144 -24.18 -16.63 -19.76
N ASP B 145 -25.04 -17.39 -20.44
CA ASP B 145 -24.89 -17.51 -21.87
C ASP B 145 -24.92 -16.12 -22.46
N GLY B 146 -24.08 -15.89 -23.46
CA GLY B 146 -24.03 -14.59 -24.07
C GLY B 146 -23.25 -13.54 -23.28
N ASP B 147 -22.62 -13.89 -22.16
CA ASP B 147 -21.96 -12.86 -21.37
C ASP B 147 -20.56 -12.52 -21.88
N CYS B 148 -20.13 -13.10 -23.00
CA CYS B 148 -18.83 -12.86 -23.58
C CYS B 148 -17.69 -13.11 -22.58
N SER B 149 -17.89 -13.97 -21.58
CA SER B 149 -16.83 -14.16 -20.57
C SER B 149 -15.62 -14.87 -21.13
N LYS B 150 -15.81 -15.76 -22.12
CA LYS B 150 -14.66 -16.39 -22.75
C LYS B 150 -13.80 -15.35 -23.45
N GLY B 151 -14.43 -14.44 -24.19
CA GLY B 151 -13.67 -13.43 -24.90
C GLY B 151 -12.93 -12.49 -23.96
N PHE B 152 -13.63 -11.95 -22.96
CA PHE B 152 -12.98 -11.01 -22.04
C PHE B 152 -11.88 -11.67 -21.24
N PHE B 153 -12.11 -12.90 -20.74
CA PHE B 153 -11.13 -13.54 -19.87
C PHE B 153 -9.92 -13.98 -20.66
N LEU B 154 -10.13 -14.59 -21.84
CA LEU B 154 -8.99 -15.09 -22.62
C LEU B 154 -8.20 -13.96 -23.25
N VAL B 155 -8.86 -12.95 -23.78
CA VAL B 155 -8.08 -11.86 -24.36
C VAL B 155 -7.20 -11.25 -23.27
N SER B 156 -7.83 -10.84 -22.16
CA SER B 156 -7.13 -10.52 -20.92
C SER B 156 -5.94 -11.44 -20.70
N LEU B 157 -6.19 -12.75 -20.66
CA LEU B 157 -5.13 -13.69 -20.34
C LEU B 157 -4.03 -13.67 -21.39
N LEU B 158 -4.39 -13.49 -22.64
CA LEU B 158 -3.39 -13.58 -23.69
C LEU B 158 -2.45 -12.39 -23.62
N VAL B 159 -2.98 -11.21 -23.30
CA VAL B 159 -2.15 -10.04 -23.13
C VAL B 159 -1.22 -10.19 -21.94
N GLU B 160 -1.68 -10.83 -20.85
CA GLU B 160 -0.79 -11.18 -19.76
C GLU B 160 0.41 -11.92 -20.25
N ILE B 161 0.17 -13.02 -20.97
CA ILE B 161 1.23 -13.93 -21.36
C ILE B 161 2.16 -13.25 -22.34
N ALA B 162 1.59 -12.40 -23.19
CA ALA B 162 2.41 -11.64 -24.11
C ALA B 162 3.33 -10.70 -23.35
N ALA B 163 2.80 -10.00 -22.33
CA ALA B 163 3.62 -9.13 -21.51
C ALA B 163 4.67 -9.91 -20.73
N ALA B 164 4.28 -11.03 -20.15
CA ALA B 164 5.19 -11.91 -19.42
C ALA B 164 6.48 -12.27 -20.16
N SER B 165 6.52 -12.14 -21.48
CA SER B 165 7.80 -12.31 -22.19
C SER B 165 8.87 -11.41 -21.59
N ALA B 166 8.45 -10.27 -21.07
CA ALA B 166 9.33 -9.29 -20.47
C ALA B 166 9.86 -9.70 -19.10
N ILE B 167 9.13 -10.55 -18.36
CA ILE B 167 9.50 -10.82 -16.97
C ILE B 167 10.86 -11.46 -16.85
N LYS B 168 11.25 -12.28 -17.83
CA LYS B 168 12.58 -12.88 -17.76
C LYS B 168 13.68 -11.84 -18.00
N VAL B 169 13.34 -10.71 -18.61
CA VAL B 169 14.29 -9.62 -18.83
C VAL B 169 14.46 -8.73 -17.62
N ILE B 170 13.74 -8.98 -16.54
CA ILE B 170 13.74 -8.10 -15.37
C ILE B 170 15.04 -8.31 -14.62
N PRO B 171 15.40 -9.55 -14.31
CA PRO B 171 16.71 -9.76 -13.69
C PRO B 171 17.84 -9.19 -14.49
N THR B 172 17.79 -9.34 -15.83
CA THR B 172 18.84 -8.82 -16.70
C THR B 172 19.06 -7.32 -16.49
N VAL B 173 17.97 -6.57 -16.28
CA VAL B 173 18.06 -5.13 -16.18
C VAL B 173 18.75 -4.71 -14.89
N PHE B 174 18.35 -5.33 -13.77
CA PHE B 174 18.84 -4.94 -12.45
C PHE B 174 20.24 -5.47 -12.17
N LYS B 175 20.61 -6.64 -12.70
CA LYS B 175 22.01 -7.01 -12.68
C LYS B 175 22.83 -6.04 -13.51
N ALA B 176 22.37 -5.72 -14.73
CA ALA B 176 23.08 -4.77 -15.58
C ALA B 176 23.41 -3.48 -14.83
N MET B 177 22.43 -2.85 -14.17
CA MET B 177 22.71 -1.62 -13.43
C MET B 177 23.76 -1.85 -12.34
N GLN B 178 23.56 -2.88 -11.51
CA GLN B 178 24.45 -3.11 -10.38
C GLN B 178 25.88 -3.29 -10.88
N MET B 179 26.04 -4.02 -11.99
CA MET B 179 27.33 -4.28 -12.60
C MET B 179 27.76 -3.19 -13.56
N GLN B 180 26.99 -2.12 -13.69
CA GLN B 180 27.31 -1.00 -14.58
C GLN B 180 27.69 -1.51 -15.98
N GLU B 181 26.83 -2.36 -16.53
CA GLU B 181 26.98 -2.93 -17.88
C GLU B 181 26.00 -2.21 -18.81
N ARG B 182 26.49 -1.17 -19.47
CA ARG B 182 25.62 -0.23 -20.16
C ARG B 182 25.03 -0.81 -21.44
N ASP B 183 25.81 -1.56 -22.21
CA ASP B 183 25.27 -2.11 -23.44
C ASP B 183 24.22 -3.18 -23.17
N THR B 184 24.49 -4.07 -22.21
CA THR B 184 23.54 -5.15 -21.96
C THR B 184 22.22 -4.60 -21.41
N LEU B 185 22.28 -3.49 -20.64
CA LEU B 185 21.05 -2.85 -20.19
C LEU B 185 20.29 -2.22 -21.35
N LEU B 186 20.99 -1.56 -22.26
CA LEU B 186 20.30 -0.99 -23.41
C LEU B 186 19.54 -2.07 -24.19
N LYS B 187 20.18 -3.23 -24.44
CA LYS B 187 19.50 -4.35 -25.10
C LYS B 187 18.30 -4.81 -24.27
N ALA B 188 18.45 -4.94 -22.96
CA ALA B 188 17.36 -5.36 -22.09
C ALA B 188 16.17 -4.43 -22.23
N LEU B 189 16.41 -3.12 -22.12
CA LEU B 189 15.32 -2.15 -22.28
C LEU B 189 14.64 -2.28 -23.62
N LEU B 190 15.41 -2.37 -24.73
CA LEU B 190 14.79 -2.47 -26.03
C LEU B 190 13.98 -3.76 -26.17
N GLU B 191 14.43 -4.86 -25.58
CA GLU B 191 13.69 -6.11 -25.63
C GLU B 191 12.37 -6.01 -24.87
N ILE B 192 12.33 -5.19 -23.83
CA ILE B 192 11.08 -5.00 -23.10
C ILE B 192 10.14 -4.09 -23.87
N ALA B 193 10.63 -2.96 -24.41
CA ALA B 193 9.77 -2.16 -25.27
C ALA B 193 9.10 -3.04 -26.33
N SER B 194 9.86 -3.96 -26.94
CA SER B 194 9.33 -4.85 -27.97
C SER B 194 8.17 -5.67 -27.42
N CYS B 195 8.40 -6.31 -26.27
CA CYS B 195 7.37 -7.06 -25.56
C CYS B 195 6.08 -6.25 -25.36
N LEU B 196 6.19 -4.99 -24.95
CA LEU B 196 4.97 -4.22 -24.73
C LEU B 196 4.33 -3.76 -26.04
N GLU B 197 5.07 -3.75 -27.14
CA GLU B 197 4.46 -3.54 -28.45
C GLU B 197 3.71 -4.79 -28.91
N LYS B 198 4.23 -5.96 -28.56
CA LYS B 198 3.57 -7.22 -28.84
C LYS B 198 2.20 -7.26 -28.19
N ALA B 199 2.19 -7.14 -26.86
CA ALA B 199 0.95 -7.08 -26.09
C ALA B 199 -0.06 -6.10 -26.70
N LEU B 200 0.41 -4.97 -27.25
CA LEU B 200 -0.54 -4.01 -27.80
C LEU B 200 -1.31 -4.60 -28.96
N GLN B 201 -0.63 -5.43 -29.77
CA GLN B 201 -1.27 -6.04 -30.93
C GLN B 201 -2.22 -7.14 -30.50
N VAL B 202 -1.82 -7.94 -29.51
CA VAL B 202 -2.68 -9.00 -28.99
C VAL B 202 -3.99 -8.42 -28.48
N PHE B 203 -3.93 -7.20 -27.94
CA PHE B 203 -5.11 -6.55 -27.38
C PHE B 203 -6.18 -6.31 -28.44
N HIS B 204 -5.79 -6.05 -29.70
CA HIS B 204 -6.74 -5.81 -30.79
C HIS B 204 -7.85 -6.89 -30.87
N GLN B 205 -7.54 -8.13 -30.52
CA GLN B 205 -8.48 -9.25 -30.57
C GLN B 205 -9.70 -9.10 -29.64
N ILE B 206 -9.69 -8.12 -28.72
CA ILE B 206 -10.85 -7.89 -27.86
C ILE B 206 -12.11 -7.67 -28.69
N HIS B 207 -11.96 -7.10 -29.89
CA HIS B 207 -13.10 -6.64 -30.68
C HIS B 207 -13.86 -7.79 -31.31
N ASP B 208 -13.16 -8.86 -31.72
CA ASP B 208 -13.76 -10.05 -32.33
C ASP B 208 -14.36 -11.00 -31.32
N HIS B 209 -14.38 -10.67 -30.06
CA HIS B 209 -14.85 -11.63 -29.09
C HIS B 209 -15.61 -11.00 -27.92
N VAL B 210 -15.84 -9.68 -27.91
CA VAL B 210 -16.66 -9.08 -26.88
C VAL B 210 -17.53 -8.01 -27.51
N ASN B 211 -18.85 -7.99 -27.17
CA ASN B 211 -19.62 -6.87 -27.70
C ASN B 211 -19.96 -5.91 -26.58
N PRO B 212 -20.12 -4.63 -26.90
CA PRO B 212 -20.35 -3.63 -25.86
C PRO B 212 -21.52 -3.94 -24.94
N LYS B 213 -22.65 -4.33 -25.52
CA LYS B 213 -23.86 -4.63 -24.74
C LYS B 213 -23.62 -5.76 -23.73
N ALA B 214 -23.13 -6.91 -24.19
CA ALA B 214 -22.88 -8.01 -23.26
C ALA B 214 -21.94 -7.60 -22.15
N PHE B 215 -20.82 -6.95 -22.51
CA PHE B 215 -19.85 -6.58 -21.48
C PHE B 215 -20.51 -5.66 -20.48
N PHE B 216 -21.21 -4.66 -20.97
CA PHE B 216 -21.69 -3.61 -20.09
C PHE B 216 -22.91 -4.08 -19.33
N SER B 217 -23.88 -4.67 -20.03
CA SER B 217 -25.15 -4.96 -19.39
C SER B 217 -25.10 -6.24 -18.56
N VAL B 218 -24.17 -7.16 -18.86
CA VAL B 218 -24.12 -8.44 -18.17
C VAL B 218 -22.79 -8.70 -17.46
N LEU B 219 -21.68 -8.87 -18.20
CA LEU B 219 -20.44 -9.35 -17.55
C LEU B 219 -19.98 -8.39 -16.48
N ARG B 220 -20.02 -7.07 -16.78
CA ARG B 220 -19.61 -6.06 -15.83
C ARG B 220 -20.34 -6.25 -14.52
N ILE B 221 -21.61 -6.67 -14.60
CA ILE B 221 -22.43 -6.83 -13.41
C ILE B 221 -21.89 -7.93 -12.52
N TYR B 222 -21.57 -9.09 -13.12
CA TYR B 222 -21.09 -10.22 -12.35
C TYR B 222 -19.66 -10.02 -11.83
N LEU B 223 -18.89 -9.10 -12.41
CA LEU B 223 -17.55 -8.87 -11.91
C LEU B 223 -17.52 -7.86 -10.76
N SER B 224 -18.64 -7.21 -10.47
CA SER B 224 -18.68 -6.13 -9.49
C SER B 224 -18.50 -6.64 -8.07
N GLY B 225 -17.97 -5.76 -7.22
CA GLY B 225 -17.69 -6.11 -5.85
C GLY B 225 -18.62 -5.42 -4.89
N TRP B 226 -18.24 -5.41 -3.62
CA TRP B 226 -19.06 -4.76 -2.59
C TRP B 226 -18.17 -3.85 -1.71
N LYS B 227 -17.41 -3.00 -2.37
CA LYS B 227 -16.65 -1.96 -1.71
C LYS B 227 -17.14 -0.64 -2.26
N GLY B 228 -17.68 0.21 -1.40
CA GLY B 228 -18.20 1.48 -1.88
C GLY B 228 -19.26 1.27 -2.93
N ASN B 229 -20.10 0.24 -2.77
CA ASN B 229 -21.12 -0.10 -3.74
C ASN B 229 -22.47 0.21 -3.15
N PRO B 230 -23.29 1.06 -3.78
CA PRO B 230 -24.60 1.37 -3.20
C PRO B 230 -25.48 0.15 -2.95
N GLN B 231 -25.43 -0.86 -3.82
CA GLN B 231 -26.25 -2.08 -3.70
C GLN B 231 -25.93 -2.92 -2.47
N LEU B 232 -24.71 -2.82 -1.91
CA LEU B 232 -24.35 -3.45 -0.62
C LEU B 232 -23.43 -2.47 0.13
N SER B 233 -24.02 -1.41 0.68
CA SER B 233 -23.27 -0.28 1.20
C SER B 233 -22.41 -0.65 2.40
N ASP B 234 -22.78 -1.68 3.14
CA ASP B 234 -22.01 -2.09 4.31
C ASP B 234 -21.24 -3.38 4.08
N GLY B 235 -21.37 -3.98 2.90
CA GLY B 235 -20.63 -5.16 2.58
C GLY B 235 -21.50 -6.39 2.63
N LEU B 236 -20.83 -7.52 2.47
CA LEU B 236 -21.44 -8.83 2.52
C LEU B 236 -21.22 -9.43 3.89
N VAL B 237 -22.21 -10.19 4.36
CA VAL B 237 -22.05 -10.97 5.56
C VAL B 237 -21.56 -12.35 5.15
N TYR B 238 -20.42 -12.74 5.68
CA TYR B 238 -19.95 -14.10 5.47
C TYR B 238 -20.49 -14.88 6.66
N GLU B 239 -21.56 -15.64 6.41
CA GLU B 239 -22.33 -16.23 7.50
C GLU B 239 -21.51 -17.28 8.21
N GLY B 240 -21.25 -17.03 9.50
CA GLY B 240 -20.58 -18.02 10.32
C GLY B 240 -19.09 -17.89 10.35
N PHE B 241 -18.53 -16.92 9.62
CA PHE B 241 -17.11 -16.61 9.66
C PHE B 241 -16.83 -15.26 10.29
N TRP B 242 -17.48 -14.20 9.79
CA TRP B 242 -17.48 -12.89 10.42
C TRP B 242 -18.92 -12.50 10.66
N GLU B 243 -19.21 -12.03 11.86
CA GLU B 243 -20.57 -11.65 12.16
C GLU B 243 -20.89 -10.29 11.56
N ASP B 244 -19.89 -9.47 11.42
CA ASP B 244 -20.04 -8.19 10.75
C ASP B 244 -19.99 -8.38 9.23
N PRO B 245 -20.63 -7.48 8.48
CA PRO B 245 -20.50 -7.51 7.03
C PRO B 245 -19.14 -6.94 6.64
N LYS B 246 -18.69 -7.28 5.42
CA LYS B 246 -17.35 -6.86 5.00
C LYS B 246 -17.29 -6.50 3.52
N GLU B 247 -16.67 -5.35 3.25
CA GLU B 247 -16.49 -4.81 1.90
C GLU B 247 -15.20 -5.32 1.25
N PHE B 248 -15.32 -5.90 0.04
CA PHE B 248 -14.18 -6.20 -0.81
C PHE B 248 -14.42 -5.69 -2.22
N ALA B 249 -13.37 -5.18 -2.85
CA ALA B 249 -13.49 -4.74 -4.24
C ALA B 249 -13.70 -5.94 -5.16
N GLY B 250 -14.41 -5.68 -6.25
CA GLY B 250 -14.55 -6.66 -7.29
C GLY B 250 -13.30 -6.79 -8.12
N GLY B 251 -13.41 -7.61 -9.16
CA GLY B 251 -12.26 -7.94 -9.98
C GLY B 251 -11.84 -6.76 -10.85
N SER B 252 -10.53 -6.63 -11.05
CA SER B 252 -9.93 -5.55 -11.82
C SER B 252 -8.57 -6.02 -12.30
N ALA B 253 -8.22 -5.65 -13.53
CA ALA B 253 -6.85 -5.84 -13.95
C ALA B 253 -5.91 -4.88 -13.23
N GLY B 254 -6.41 -3.96 -12.43
CA GLY B 254 -5.54 -3.32 -11.43
C GLY B 254 -4.89 -4.34 -10.49
N GLN B 255 -5.42 -5.55 -10.44
CA GLN B 255 -4.91 -6.70 -9.66
C GLN B 255 -3.90 -7.52 -10.43
N SER B 256 -3.72 -7.21 -11.71
CA SER B 256 -2.72 -7.89 -12.51
C SER B 256 -1.32 -7.49 -12.06
N SER B 257 -0.49 -8.50 -11.88
CA SER B 257 0.89 -8.30 -11.46
C SER B 257 1.84 -7.88 -12.59
N VAL B 258 1.66 -8.32 -13.85
CA VAL B 258 2.61 -7.89 -14.89
C VAL B 258 2.55 -6.39 -15.07
N PHE B 259 1.36 -5.82 -15.16
CA PHE B 259 1.34 -4.44 -15.60
C PHE B 259 1.81 -3.51 -14.50
N GLN B 260 1.53 -3.86 -13.23
CA GLN B 260 2.17 -3.15 -12.12
C GLN B 260 3.69 -3.39 -12.13
N CYS B 261 4.14 -4.54 -12.59
CA CYS B 261 5.57 -4.79 -12.70
C CYS B 261 6.25 -3.76 -13.56
N PHE B 262 5.65 -3.40 -14.68
CA PHE B 262 6.30 -2.45 -15.57
C PHE B 262 6.41 -1.09 -14.93
N ASP B 263 5.36 -0.66 -14.22
CA ASP B 263 5.44 0.63 -13.56
C ASP B 263 6.59 0.63 -12.57
N VAL B 264 6.71 -0.43 -11.74
CA VAL B 264 7.80 -0.48 -10.77
C VAL B 264 9.14 -0.56 -11.49
N LEU B 265 9.21 -1.34 -12.56
CA LEU B 265 10.48 -1.50 -13.28
C LEU B 265 10.95 -0.18 -13.87
N LEU B 266 10.07 0.52 -14.53
CA LEU B 266 10.47 1.75 -15.19
C LEU B 266 10.44 2.93 -14.27
N GLY B 267 10.19 2.75 -12.98
CA GLY B 267 10.28 3.91 -12.11
C GLY B 267 9.11 4.84 -12.23
N ILE B 268 8.02 4.37 -12.82
CA ILE B 268 6.79 5.14 -12.94
C ILE B 268 6.03 5.01 -11.62
N GLN B 269 5.94 6.10 -10.86
CA GLN B 269 5.49 5.98 -9.47
C GLN B 269 3.97 6.04 -9.40
N GLN B 270 3.34 4.98 -9.92
CA GLN B 270 1.88 4.92 -9.92
C GLN B 270 1.32 4.98 -8.51
N THR B 271 2.06 4.49 -7.53
CA THR B 271 1.59 4.37 -6.15
C THR B 271 2.09 5.50 -5.24
N ALA B 272 2.76 6.53 -5.79
CA ALA B 272 3.16 7.68 -5.00
C ALA B 272 2.22 8.85 -5.28
N GLY B 273 2.52 10.00 -4.67
CA GLY B 273 1.77 11.22 -4.90
C GLY B 273 0.38 11.26 -4.28
N GLY B 274 -0.04 10.19 -3.59
CA GLY B 274 -1.24 10.17 -2.78
C GLY B 274 -2.55 10.28 -3.54
N GLY B 275 -2.50 10.16 -4.86
CA GLY B 275 -3.71 10.23 -5.67
C GLY B 275 -4.71 9.15 -5.33
N HIS B 276 -5.89 9.25 -5.94
CA HIS B 276 -6.86 8.17 -5.82
C HIS B 276 -6.45 7.00 -6.71
N ALA B 277 -5.90 7.30 -7.89
CA ALA B 277 -5.35 6.26 -8.74
C ALA B 277 -4.28 5.46 -8.00
N ALA B 278 -3.35 6.16 -7.34
CA ALA B 278 -2.29 5.50 -6.57
C ALA B 278 -2.84 4.70 -5.39
N GLN B 279 -3.91 5.20 -4.79
CA GLN B 279 -4.56 4.46 -3.70
C GLN B 279 -5.20 3.16 -4.21
N PHE B 280 -5.82 3.20 -5.38
CA PHE B 280 -6.51 2.00 -5.87
C PHE B 280 -5.50 0.92 -6.24
N LEU B 281 -4.40 1.32 -6.87
CA LEU B 281 -3.45 0.33 -7.36
C LEU B 281 -2.68 -0.32 -6.23
N GLN B 282 -2.36 0.42 -5.18
CA GLN B 282 -1.74 -0.21 -4.02
C GLN B 282 -2.72 -1.16 -3.34
N ASP B 283 -3.94 -0.68 -3.12
CA ASP B 283 -4.95 -1.51 -2.47
C ASP B 283 -5.11 -2.84 -3.22
N MET B 284 -5.09 -2.79 -4.56
CA MET B 284 -5.30 -4.00 -5.33
C MET B 284 -4.21 -5.03 -5.16
N ARG B 285 -3.08 -4.69 -4.54
CA ARG B 285 -2.07 -5.73 -4.35
C ARG B 285 -2.45 -6.70 -3.25
N ARG B 286 -3.35 -6.32 -2.33
CA ARG B 286 -3.89 -7.28 -1.38
C ARG B 286 -4.76 -8.33 -2.08
N TYR B 287 -5.18 -8.07 -3.33
CA TYR B 287 -5.96 -9.04 -4.09
C TYR B 287 -5.12 -9.88 -5.02
N MET B 288 -3.82 -9.80 -4.90
CA MET B 288 -2.96 -10.67 -5.71
C MET B 288 -2.45 -11.83 -4.89
N PRO B 289 -2.04 -12.92 -5.53
CA PRO B 289 -1.41 -14.03 -4.79
C PRO B 289 -0.22 -13.53 -3.99
N PRO B 290 0.00 -14.05 -2.78
CA PRO B 290 1.08 -13.50 -1.95
C PRO B 290 2.46 -13.65 -2.57
N ALA B 291 2.69 -14.66 -3.42
CA ALA B 291 4.01 -14.81 -4.03
C ALA B 291 4.26 -13.69 -5.03
N HIS B 292 3.20 -13.25 -5.70
CA HIS B 292 3.28 -12.18 -6.67
C HIS B 292 3.40 -10.82 -5.98
N ARG B 293 2.62 -10.61 -4.92
CA ARG B 293 2.80 -9.45 -4.04
C ARG B 293 4.25 -9.35 -3.58
N ASN B 294 4.82 -10.48 -3.16
CA ASN B 294 6.21 -10.47 -2.71
C ASN B 294 7.15 -10.11 -3.86
N PHE B 295 6.86 -10.60 -5.07
CA PHE B 295 7.71 -10.26 -6.19
C PHE B 295 7.72 -8.74 -6.44
N LEU B 296 6.54 -8.11 -6.38
CA LEU B 296 6.47 -6.67 -6.54
C LEU B 296 7.29 -5.97 -5.47
N CYS B 297 7.13 -6.39 -4.21
CA CYS B 297 7.98 -5.89 -3.14
C CYS B 297 9.46 -6.03 -3.47
N SER B 298 9.90 -7.23 -3.87
CA SER B 298 11.31 -7.41 -4.23
C SER B 298 11.72 -6.47 -5.36
N LEU B 299 10.82 -6.21 -6.30
CA LEU B 299 11.17 -5.33 -7.42
C LEU B 299 11.41 -3.92 -6.94
N GLU B 300 10.49 -3.41 -6.11
CA GLU B 300 10.53 -2.05 -5.60
C GLU B 300 11.75 -1.81 -4.74
N SER B 301 12.36 -2.87 -4.23
CA SER B 301 13.55 -2.76 -3.41
C SER B 301 14.82 -2.43 -4.21
N ASN B 302 14.81 -2.51 -5.53
CA ASN B 302 16.00 -2.13 -6.27
C ASN B 302 15.99 -0.63 -6.47
N PRO B 303 17.17 -0.05 -6.77
CA PRO B 303 17.22 1.36 -7.13
C PRO B 303 16.47 1.59 -8.43
N SER B 304 16.02 2.83 -8.61
CA SER B 304 15.22 3.18 -9.77
C SER B 304 16.02 3.05 -11.06
N VAL B 305 15.52 2.21 -11.99
CA VAL B 305 15.99 2.23 -13.38
C VAL B 305 15.84 3.62 -13.98
N ARG B 306 14.78 4.34 -13.62
CA ARG B 306 14.60 5.65 -14.24
C ARG B 306 15.75 6.54 -13.85
N GLU B 307 16.15 6.52 -12.58
CA GLU B 307 17.20 7.41 -12.12
C GLU B 307 18.54 7.00 -12.70
N PHE B 308 18.84 5.71 -12.66
CA PHE B 308 20.06 5.24 -13.26
C PHE B 308 20.21 5.90 -14.61
N VAL B 309 19.17 5.79 -15.42
CA VAL B 309 19.22 6.21 -16.81
C VAL B 309 19.28 7.74 -16.92
N LEU B 310 18.55 8.43 -16.06
CA LEU B 310 18.53 9.88 -16.19
C LEU B 310 19.89 10.48 -15.85
N SER B 311 20.60 9.83 -14.93
CA SER B 311 21.83 10.33 -14.36
C SER B 311 23.01 10.22 -15.32
N LYS B 312 22.90 9.36 -16.33
CA LYS B 312 24.03 8.82 -17.08
C LYS B 312 24.35 9.60 -18.36
N GLY B 313 23.54 10.60 -18.73
CA GLY B 313 23.89 11.45 -19.88
C GLY B 313 24.17 10.69 -21.16
N ASP B 314 23.40 9.63 -21.39
CA ASP B 314 23.67 8.62 -22.42
C ASP B 314 22.43 8.57 -23.32
N ALA B 315 22.50 9.20 -24.50
CA ALA B 315 21.31 9.44 -25.28
C ALA B 315 20.70 8.15 -25.80
N GLY B 316 21.54 7.14 -26.09
CA GLY B 316 21.04 5.86 -26.53
C GLY B 316 20.32 5.08 -25.44
N LEU B 317 20.77 5.22 -24.19
CA LEU B 317 20.10 4.59 -23.08
C LEU B 317 18.81 5.32 -22.76
N ARG B 318 18.83 6.65 -22.84
N ARG B 318 18.83 6.65 -22.84
CA ARG B 318 17.60 7.42 -22.67
CA ARG B 318 17.59 7.41 -22.66
C ARG B 318 16.53 6.98 -23.68
C ARG B 318 16.53 6.96 -23.68
N GLU B 319 16.89 6.97 -24.96
CA GLU B 319 15.96 6.54 -25.99
C GLU B 319 15.38 5.16 -25.71
N ALA B 320 16.20 4.21 -25.26
CA ALA B 320 15.71 2.86 -25.02
C ALA B 320 14.72 2.81 -23.85
N TYR B 321 15.02 3.56 -22.79
CA TYR B 321 14.07 3.69 -21.69
C TYR B 321 12.79 4.35 -22.17
N ASP B 322 12.92 5.44 -22.92
CA ASP B 322 11.74 6.15 -23.40
C ASP B 322 10.90 5.26 -24.32
N ALA B 323 11.51 4.29 -25.00
CA ALA B 323 10.75 3.40 -25.85
C ALA B 323 9.86 2.47 -25.04
N CYS B 324 10.29 2.13 -23.82
CA CYS B 324 9.50 1.35 -22.88
C CYS B 324 8.34 2.17 -22.30
N VAL B 325 8.64 3.41 -21.89
CA VAL B 325 7.59 4.31 -21.45
C VAL B 325 6.62 4.58 -22.57
N LYS B 326 7.09 4.58 -23.82
CA LYS B 326 6.18 4.87 -24.94
C LYS B 326 5.23 3.71 -25.13
N ALA B 327 5.74 2.49 -25.07
CA ALA B 327 4.92 1.33 -25.33
C ALA B 327 3.79 1.20 -24.29
N LEU B 328 4.12 1.37 -23.00
CA LEU B 328 3.11 1.38 -21.93
C LEU B 328 2.10 2.49 -22.15
N VAL B 329 2.58 3.68 -22.53
CA VAL B 329 1.65 4.76 -22.80
C VAL B 329 0.69 4.34 -23.90
N SER B 330 1.20 3.62 -24.91
CA SER B 330 0.36 3.29 -26.03
C SER B 330 -0.69 2.25 -25.63
N LEU B 331 -0.31 1.22 -24.86
CA LEU B 331 -1.29 0.26 -24.36
C LEU B 331 -2.39 0.97 -23.60
N ARG B 332 -2.02 1.87 -22.70
CA ARG B 332 -3.03 2.49 -21.85
C ARG B 332 -3.96 3.39 -22.65
N SER B 333 -3.45 4.05 -23.70
CA SER B 333 -4.28 4.91 -24.55
C SER B 333 -5.20 4.05 -25.42
N TYR B 334 -4.69 2.94 -25.94
CA TYR B 334 -5.56 1.96 -26.60
C TYR B 334 -6.62 1.41 -25.63
N HIS B 335 -6.20 1.08 -24.41
CA HIS B 335 -7.13 0.58 -23.41
C HIS B 335 -8.21 1.62 -23.12
N LEU B 336 -7.87 2.91 -23.18
CA LEU B 336 -8.87 3.95 -22.93
C LEU B 336 -9.91 4.03 -24.05
N GLN B 337 -9.49 3.80 -25.31
CA GLN B 337 -10.46 3.69 -26.41
C GLN B 337 -11.39 2.50 -26.20
N ILE B 338 -10.83 1.35 -25.83
CA ILE B 338 -11.68 0.19 -25.51
C ILE B 338 -12.73 0.59 -24.48
N VAL B 339 -12.33 1.31 -23.44
CA VAL B 339 -13.28 1.66 -22.41
C VAL B 339 -14.30 2.67 -22.94
N THR B 340 -13.92 3.51 -23.91
CA THR B 340 -14.89 4.41 -24.50
C THR B 340 -16.02 3.62 -25.17
N LYS B 341 -15.66 2.56 -25.92
CA LYS B 341 -16.57 1.71 -26.67
C LYS B 341 -17.37 0.72 -25.80
N TYR B 342 -16.73 0.09 -24.80
CA TYR B 342 -17.36 -0.95 -24.03
C TYR B 342 -17.98 -0.48 -22.73
N ILE B 343 -17.71 0.74 -22.30
CA ILE B 343 -18.42 1.26 -21.13
C ILE B 343 -19.10 2.59 -21.43
N LEU B 344 -18.40 3.52 -22.11
CA LEU B 344 -18.85 4.91 -22.09
C LEU B 344 -20.08 5.10 -22.97
N ILE B 345 -20.04 4.56 -24.19
CA ILE B 345 -21.15 4.66 -25.13
C ILE B 345 -22.31 3.79 -24.64
N PRO B 346 -22.11 2.45 -24.39
CA PRO B 346 -23.17 1.65 -23.75
C PRO B 346 -23.84 2.34 -22.58
N ALA B 347 -23.06 2.92 -21.66
CA ALA B 347 -23.68 3.64 -20.55
C ALA B 347 -24.55 4.81 -21.02
N SER B 348 -24.27 5.39 -22.20
CA SER B 348 -25.05 6.50 -22.72
C SER B 348 -26.34 6.07 -23.41
N GLN B 349 -26.50 4.77 -23.69
CA GLN B 349 -27.70 4.22 -24.31
C GLN B 349 -28.60 3.52 -23.29
N GLN B 350 -28.62 4.03 -22.04
CA GLN B 350 -29.38 3.48 -20.89
C GLN B 350 -30.49 4.43 -20.48
N PRO B 351 -31.78 4.02 -20.47
CA PRO B 351 -32.93 4.90 -20.14
C PRO B 351 -32.65 6.01 -19.09
N GLU B 363 -22.69 10.04 -16.10
CA GLU B 363 -21.34 9.50 -16.04
C GLU B 363 -21.31 8.02 -15.70
N GLU B 364 -21.64 7.72 -14.44
CA GLU B 364 -21.54 6.38 -13.85
C GLU B 364 -22.90 5.62 -13.82
N ALA B 365 -22.94 4.28 -13.74
CA ALA B 365 -21.86 3.30 -14.00
C ALA B 365 -20.46 3.58 -13.41
N LYS B 366 -20.20 3.12 -12.19
CA LYS B 366 -18.96 3.43 -11.48
C LYS B 366 -17.93 2.31 -11.66
N GLY B 367 -16.69 2.60 -11.24
CA GLY B 367 -15.57 1.66 -11.35
C GLY B 367 -15.25 0.96 -10.02
N THR B 368 -14.22 0.08 -10.07
CA THR B 368 -13.95 -0.85 -8.97
C THR B 368 -13.67 -0.10 -7.67
N GLY B 369 -14.25 -0.60 -6.57
CA GLY B 369 -14.21 0.12 -5.30
C GLY B 369 -15.03 1.39 -5.26
N GLY B 370 -15.92 1.62 -6.23
CA GLY B 370 -16.66 2.87 -6.34
C GLY B 370 -15.92 4.03 -6.98
N THR B 371 -14.72 3.80 -7.52
CA THR B 371 -13.87 4.84 -8.12
C THR B 371 -14.46 5.36 -9.43
N ASP B 372 -14.35 6.67 -9.70
CA ASP B 372 -14.79 7.22 -10.99
C ASP B 372 -13.73 6.92 -12.05
N LEU B 373 -14.12 6.16 -13.09
CA LEU B 373 -13.16 5.30 -13.76
C LEU B 373 -12.51 5.91 -15.00
N MET B 374 -13.23 6.71 -15.78
CA MET B 374 -12.52 7.39 -16.85
C MET B 374 -11.41 8.25 -16.26
N ASN B 375 -11.66 8.84 -15.09
CA ASN B 375 -10.64 9.71 -14.50
C ASN B 375 -9.49 8.90 -13.96
N PHE B 376 -9.78 7.72 -13.40
CA PHE B 376 -8.71 6.86 -12.92
C PHE B 376 -7.74 6.54 -14.06
N LEU B 377 -8.26 6.08 -15.20
CA LEU B 377 -7.38 5.59 -16.24
C LEU B 377 -6.56 6.70 -16.88
N LYS B 378 -7.10 7.93 -17.01
CA LYS B 378 -6.33 9.03 -17.61
C LYS B 378 -5.29 9.53 -16.61
N THR B 379 -5.64 9.61 -15.33
CA THR B 379 -4.62 9.88 -14.31
C THR B 379 -3.43 8.93 -14.49
N VAL B 380 -3.70 7.61 -14.56
CA VAL B 380 -2.62 6.61 -14.66
C VAL B 380 -1.87 6.75 -15.97
N ARG B 381 -2.60 7.05 -17.06
CA ARG B 381 -1.97 7.22 -18.37
C ARG B 381 -1.06 8.46 -18.38
N SER B 382 -1.53 9.58 -17.83
CA SER B 382 -0.71 10.77 -17.71
C SER B 382 0.57 10.49 -16.91
N THR B 383 0.41 9.96 -15.69
CA THR B 383 1.60 9.64 -14.89
C THR B 383 2.63 8.88 -15.73
N THR B 384 2.17 7.97 -16.61
CA THR B 384 3.08 7.19 -17.46
C THR B 384 3.71 8.06 -18.52
N GLU B 385 2.92 8.99 -19.10
CA GLU B 385 3.44 9.94 -20.09
C GLU B 385 4.49 10.86 -19.48
N LYS B 386 4.25 11.36 -18.26
CA LYS B 386 5.12 12.27 -17.52
C LYS B 386 6.39 11.59 -16.97
N SER B 387 6.56 10.29 -17.18
CA SER B 387 7.84 9.66 -16.87
C SER B 387 8.81 9.69 -18.03
N LEU B 388 8.41 10.22 -19.17
CA LEU B 388 9.36 10.33 -20.28
C LEU B 388 10.59 11.15 -19.88
N LEU B 389 11.70 10.83 -20.54
CA LEU B 389 12.88 11.67 -20.37
C LEU B 389 12.87 12.85 -21.35
N LYS B 390 12.35 12.63 -22.56
CA LYS B 390 12.32 13.65 -23.61
C LYS B 390 11.16 13.39 -24.57
N GLU B 391 10.37 14.44 -24.84
CA GLU B 391 9.23 14.45 -25.80
C GLU B 391 8.95 13.14 -26.53
CHA HEM C . -0.86 7.11 17.11
CHB HEM C . -1.46 10.74 20.24
CHC HEM C . 2.99 10.28 21.92
CHD HEM C . 3.27 6.19 19.35
C1A HEM C . -1.38 8.17 17.77
C2A HEM C . -2.70 8.68 17.55
C3A HEM C . -2.84 9.73 18.40
C4A HEM C . -1.63 9.85 19.22
CMA HEM C . -4.06 10.64 18.54
CAA HEM C . -3.72 8.24 16.47
CBA HEM C . -3.13 8.25 15.07
CGA HEM C . -3.15 9.68 14.53
O1A HEM C . -4.18 10.36 14.72
O2A HEM C . -2.17 10.12 13.88
C1B HEM C . -0.33 10.89 20.97
C2B HEM C . -0.14 11.92 21.94
C3B HEM C . 1.10 11.79 22.43
C4B HEM C . 1.72 10.70 21.75
CMB HEM C . -1.27 12.88 22.29
CAB HEM C . 1.84 12.62 23.49
CBB HEM C . 1.43 13.82 23.93
C1C HEM C . 3.42 9.12 21.33
C2C HEM C . 4.70 8.52 21.61
C3C HEM C . 4.77 7.39 20.94
C4C HEM C . 3.54 7.24 20.17
CMC HEM C . 5.81 9.07 22.52
CAC HEM C . 5.97 6.44 20.95
CBC HEM C . 5.71 5.12 21.00
C1D HEM C . 2.19 6.08 18.53
C2D HEM C . 1.97 5.01 17.57
C3D HEM C . 0.84 5.27 16.96
C4D HEM C . 0.30 6.50 17.50
CMD HEM C . 2.88 3.79 17.28
CAD HEM C . 0.20 4.40 15.88
CBD HEM C . -0.84 3.60 16.61
CGD HEM C . -0.33 2.26 17.12
O1D HEM C . -0.91 1.84 18.15
O2D HEM C . 0.64 1.65 16.55
NA HEM C . -0.74 8.87 18.81
NB HEM C . 0.81 10.13 20.87
NC HEM C . 2.71 8.30 20.45
ND HEM C . 1.16 6.97 18.47
FE HEM C . 0.96 8.56 19.61
C10 HUC D . -3.81 15.84 14.94
C15 HUC D . 1.03 10.73 17.62
BR1 HUC D . 5.52 13.57 14.78
C02 HUC D . 4.07 12.69 15.64
C03 HUC D . 2.83 13.11 15.27
C04 HUC D . 1.74 12.54 15.87
N05 HUC D . 0.51 13.08 15.38
C06 HUC D . -0.73 12.98 16.08
C07 HUC D . -1.71 13.80 15.28
C08 HUC D . -3.13 13.52 15.73
C09 HUC D . -4.11 14.35 14.89
C11 HUC D . -2.33 16.12 14.62
C12 HUC D . -1.39 15.27 15.46
CL1 HUC D . -3.23 14.00 17.44
C14 HUC D . 1.90 11.53 16.85
N16 HUC D . 1.77 9.92 18.38
N17 HUC D . 3.08 10.17 18.13
C18 HUC D . 3.15 11.12 17.18
C19 HUC D . 4.28 11.71 16.57
CHA HEM E . -8.23 -1.04 -15.46
CHB HEM E . -12.01 -1.50 -18.38
CHC HEM E . -9.89 -5.00 -20.90
CHD HEM E . -5.84 -3.98 -18.44
C1A HEM E . -9.47 -0.91 -15.97
C2A HEM E . -10.53 -0.08 -15.42
C3A HEM E . -11.57 -0.20 -16.25
C4A HEM E . -11.21 -1.12 -17.32
CMA HEM E . -12.95 0.45 -16.08
CAA HEM E . -10.45 0.76 -14.14
CBA HEM E . -10.07 -0.05 -12.90
CGA HEM E . -11.32 -0.79 -12.50
O1A HEM E . -11.27 -2.03 -12.40
O2A HEM E . -12.36 -0.12 -12.33
C1B HEM E . -11.75 -2.46 -19.31
C2B HEM E . -12.71 -2.87 -20.30
C3B HEM E . -12.21 -3.86 -21.02
C4B HEM E . -10.84 -4.08 -20.52
CMB HEM E . -14.12 -2.26 -20.45
CAB HEM E . -13.06 -4.48 -22.18
CBB HEM E . -12.62 -5.51 -22.88
C1C HEM E . -8.60 -5.00 -20.47
C2C HEM E . -7.49 -5.77 -21.03
C3C HEM E . -6.39 -5.45 -20.36
C4C HEM E . -6.75 -4.51 -19.33
CMC HEM E . -7.63 -6.78 -22.18
CAC HEM E . -4.93 -5.91 -20.48
CBC HEM E . -4.59 -7.09 -20.95
C1D HEM E . -6.13 -3.11 -17.43
C2D HEM E . -5.19 -2.63 -16.48
C3D HEM E . -5.84 -1.80 -15.64
C4D HEM E . -7.22 -1.75 -16.05
CMD HEM E . -3.72 -3.09 -16.47
CAD HEM E . -5.28 -1.07 -14.42
CBD HEM E . -5.06 0.40 -14.76
CGD HEM E . -3.71 0.52 -15.47
O1D HEM E . -2.71 -0.15 -15.03
O2D HEM E . -3.65 1.28 -16.48
NA HEM E . -9.92 -1.54 -17.13
NB HEM E . -10.61 -3.20 -19.47
NC HEM E . -8.11 -4.23 -19.41
ND HEM E . -7.37 -2.57 -17.14
FE HEM E . -9.02 -2.90 -18.30
C10 HUC F . -17.31 -2.79 -13.07
C15 HUC F . -10.68 -4.28 -16.42
BR1 HUC F . -11.21 -9.92 -14.46
C02 HUC F . -11.10 -8.11 -15.01
C03 HUC F . -11.96 -7.24 -14.41
C04 HUC F . -11.91 -5.92 -14.78
N05 HUC F . -12.86 -5.11 -14.05
C06 HUC F . -13.45 -3.95 -14.62
C07 HUC F . -14.51 -3.53 -13.58
C08 HUC F . -15.06 -2.15 -13.99
C09 HUC F . -16.21 -1.72 -13.09
C11 HUC F . -16.76 -4.18 -12.77
C12 HUC F . -15.57 -4.58 -13.63
CL1 HUC F . -15.60 -2.29 -15.68
C14 HUC F . -10.99 -5.50 -15.78
N16 HUC F . -9.71 -4.52 -17.28
N17 HUC F . -9.39 -5.83 -17.24
C18 HUC F . -10.16 -6.42 -16.35
C19 HUC F . -10.20 -7.76 -15.94
#